data_3PGC
#
_entry.id   3PGC
#
_cell.length_a   138.146
_cell.length_b   138.146
_cell.length_c   104.520
_cell.angle_alpha   90.000
_cell.angle_beta   90.000
_cell.angle_gamma   120.000
#
_symmetry.space_group_name_H-M   'P 31 2 1'
#
loop_
_entity.id
_entity.type
_entity.pdbx_description
1 polymer 'HLA class II histocompatibility antigen, DR alpha chain'
2 polymer 'HLA class II histocompatibility antigen, DRB1-1 beta chain'
3 polymer 'HLA class II histocompatibility antigen gamma chain'
4 non-polymer DI(HYDROXYETHYL)ETHER
5 non-polymer GLYCEROL
6 water water
#
loop_
_entity_poly.entity_id
_entity_poly.type
_entity_poly.pdbx_seq_one_letter_code
_entity_poly.pdbx_strand_id
1 'polypeptide(L)'
;MIKEEHVIIQAEFYLNPDQSGEFMFDFDGDEIFHVDMAKKETVWRLEEFGRFASFEAQGALANIAVDKANLEIMTKRSNY
TPITNVPPEVTVLTNSPVELREPNVLICFIDKFTPPVVNVTWLRNGKPVTTGVSETVFLPREDHLFRKFHYLPFLPSTED
VYDCRVEHWGLDEPLLKHWEFDAPSPLPETTEN
;
A,D
2 'polypeptide(L)'
;MGDTRPRFLWQLKFECHFFNGTERVRLLERCIYNQEESVRFDSDVGEYRAVTELGRPDAEYWNSQKDLLEQRRAAVDTYC
RHNYGVGESFTVQRRVEPKVTVYPSKTQPLQHHNLLVCSVSGFYPGSIEVRWFRNGQEEKAGVVSTGLIQNGDWTFQTLV
MLETVPRSGEVYTCQVEHPSVTSPLTVEWRARSESAQSK
;
B,E
3 'polypeptide(L)' KMRMATPLLMQALPM C,F
#
loop_
_chem_comp.id
_chem_comp.type
_chem_comp.name
_chem_comp.formula
GOL non-polymer GLYCEROL 'C3 H8 O3'
PEG non-polymer DI(HYDROXYETHYL)ETHER 'C4 H10 O3'
#
# COMPACT_ATOMS: atom_id res chain seq x y z
N GLU A 5 -0.23 -12.86 4.67
CA GLU A 5 0.31 -12.45 3.37
C GLU A 5 1.87 -12.43 3.30
N HIS A 6 2.43 -13.01 2.24
CA HIS A 6 3.84 -12.84 1.94
C HIS A 6 4.03 -12.27 0.54
N VAL A 7 5.19 -11.66 0.30
CA VAL A 7 5.53 -11.08 -0.99
C VAL A 7 6.96 -11.38 -1.43
N ILE A 8 7.11 -12.06 -2.56
CA ILE A 8 8.42 -12.31 -3.13
C ILE A 8 8.66 -11.46 -4.38
N ILE A 9 9.57 -10.50 -4.26
CA ILE A 9 9.90 -9.65 -5.41
C ILE A 9 11.22 -10.00 -6.10
N GLN A 10 11.14 -10.29 -7.39
CA GLN A 10 12.32 -10.30 -8.26
C GLN A 10 12.55 -8.87 -8.76
N ALA A 11 13.53 -8.18 -8.22
CA ALA A 11 13.80 -6.80 -8.64
C ALA A 11 15.14 -6.61 -9.38
N GLU A 12 15.05 -5.99 -10.55
CA GLU A 12 16.18 -5.75 -11.45
C GLU A 12 16.23 -4.26 -11.78
N PHE A 13 17.44 -3.73 -11.94
CA PHE A 13 17.56 -2.37 -12.47
C PHE A 13 18.82 -2.17 -13.34
N TYR A 14 18.81 -1.11 -14.13
CA TYR A 14 20.00 -0.68 -14.86
C TYR A 14 20.05 0.83 -14.83
N LEU A 15 21.21 1.37 -14.46
CA LEU A 15 21.42 2.81 -14.36
C LEU A 15 22.53 3.28 -15.30
N ASN A 16 22.26 4.34 -16.06
CA ASN A 16 23.23 5.01 -16.92
C ASN A 16 23.33 6.45 -16.44
N PRO A 17 24.52 7.08 -16.60
CA PRO A 17 25.72 6.59 -17.28
C PRO A 17 26.54 5.55 -16.50
N ASP A 18 26.25 5.37 -15.23
CA ASP A 18 27.12 4.54 -14.38
C ASP A 18 27.34 3.14 -14.92
N GLN A 19 26.43 2.72 -15.78
CA GLN A 19 26.44 1.36 -16.29
C GLN A 19 26.43 0.35 -15.18
N SER A 20 25.52 0.54 -14.23
CA SER A 20 25.35 -0.49 -13.21
C SER A 20 23.97 -1.11 -13.27
N GLY A 21 23.96 -2.43 -13.13
CA GLY A 21 22.73 -3.19 -13.13
C GLY A 21 22.71 -3.93 -11.80
N GLU A 22 21.52 -4.36 -11.41
CA GLU A 22 21.37 -5.15 -10.20
C GLU A 22 20.29 -6.20 -10.41
N PHE A 23 20.45 -7.33 -9.76
CA PHE A 23 19.46 -8.37 -9.83
C PHE A 23 19.40 -9.04 -8.48
N MET A 24 18.22 -9.04 -7.86
CA MET A 24 18.06 -9.59 -6.52
C MET A 24 16.64 -10.13 -6.30
N PHE A 25 16.48 -10.96 -5.27
CA PHE A 25 15.17 -11.44 -4.82
C PHE A 25 14.90 -10.92 -3.40
N ASP A 26 13.68 -10.44 -3.21
CA ASP A 26 13.21 -9.85 -1.97
C ASP A 26 12.09 -10.70 -1.35
N PHE A 27 12.19 -11.00 -0.05
CA PHE A 27 11.09 -11.62 0.70
C PHE A 27 10.71 -10.70 1.85
N ASP A 28 9.47 -10.22 1.83
CA ASP A 28 8.95 -9.32 2.86
C ASP A 28 9.92 -8.21 3.30
N GLY A 29 10.68 -7.66 2.35
CA GLY A 29 11.62 -6.59 2.65
C GLY A 29 13.05 -7.03 2.93
N ASP A 30 13.28 -8.34 2.97
CA ASP A 30 14.62 -8.86 3.17
C ASP A 30 15.14 -9.52 1.89
N GLU A 31 16.42 -9.29 1.59
CA GLU A 31 17.06 -9.87 0.43
C GLU A 31 17.30 -11.35 0.65
N ILE A 32 16.78 -12.16 -0.26
CA ILE A 32 17.09 -13.59 -0.26
C ILE A 32 18.50 -13.77 -0.82
N PHE A 33 18.76 -13.08 -1.92
CA PHE A 33 20.06 -13.15 -2.57
C PHE A 33 20.15 -12.09 -3.64
N HIS A 34 21.33 -11.95 -4.23
CA HIS A 34 21.48 -11.19 -5.47
C HIS A 34 22.58 -11.84 -6.29
N VAL A 35 22.76 -11.38 -7.51
CA VAL A 35 23.83 -11.85 -8.35
C VAL A 35 24.91 -10.79 -8.53
N ASP A 36 26.13 -11.12 -8.12
CA ASP A 36 27.28 -10.26 -8.29
C ASP A 36 27.60 -10.22 -9.78
N MET A 37 27.50 -9.06 -10.40
CA MET A 37 27.72 -8.93 -11.84
C MET A 37 29.19 -9.15 -12.24
N ALA A 38 30.10 -8.51 -11.51
CA ALA A 38 31.53 -8.69 -11.74
C ALA A 38 31.94 -10.16 -11.71
N LYS A 39 31.56 -10.87 -10.64
CA LYS A 39 32.03 -12.23 -10.45
C LYS A 39 31.12 -13.24 -11.11
N LYS A 40 29.99 -12.76 -11.61
CA LYS A 40 29.04 -13.60 -12.34
C LYS A 40 28.67 -14.79 -11.46
N GLU A 41 28.33 -14.49 -10.21
CA GLU A 41 27.85 -15.52 -9.28
C GLU A 41 26.77 -15.04 -8.29
N THR A 42 26.06 -16.01 -7.72
CA THR A 42 24.96 -15.80 -6.80
C THR A 42 25.46 -15.66 -5.37
N VAL A 43 25.08 -14.56 -4.71
CA VAL A 43 25.43 -14.33 -3.33
C VAL A 43 24.18 -14.33 -2.43
N TRP A 44 24.08 -15.33 -1.52
CA TRP A 44 22.93 -15.44 -0.63
C TRP A 44 23.11 -14.52 0.55
N ARG A 45 22.00 -13.94 0.99
CA ARG A 45 22.08 -12.93 2.03
C ARG A 45 22.58 -13.53 3.35
N LEU A 46 22.19 -14.78 3.58
CA LEU A 46 22.71 -15.60 4.68
C LEU A 46 23.22 -16.90 4.08
N GLU A 47 24.48 -17.25 4.38
CA GLU A 47 25.10 -18.40 3.72
C GLU A 47 24.26 -19.68 3.86
N GLU A 48 23.48 -19.76 4.94
CA GLU A 48 22.59 -20.89 5.18
C GLU A 48 21.68 -21.15 3.98
N PHE A 49 21.15 -20.07 3.41
CA PHE A 49 20.17 -20.18 2.34
C PHE A 49 20.72 -21.07 1.24
N GLY A 50 22.03 -20.94 1.02
CA GLY A 50 22.71 -21.64 -0.06
C GLY A 50 22.74 -23.15 0.10
N ARG A 51 22.42 -23.63 1.31
CA ARG A 51 22.33 -25.05 1.57
C ARG A 51 21.05 -25.66 1.01
N PHE A 52 20.03 -24.82 0.81
CA PHE A 52 18.74 -25.33 0.38
C PHE A 52 18.42 -25.01 -1.07
N ALA A 53 19.04 -23.95 -1.59
CA ALA A 53 18.63 -23.47 -2.89
C ALA A 53 19.80 -23.07 -3.80
N SER A 54 19.55 -23.13 -5.10
CA SER A 54 20.52 -22.69 -6.08
C SER A 54 19.82 -21.79 -7.11
N PHE A 55 20.59 -20.91 -7.74
CA PHE A 55 20.05 -20.05 -8.79
C PHE A 55 21.08 -19.77 -9.89
N GLU A 56 20.80 -20.24 -11.10
CA GLU A 56 21.67 -19.98 -12.24
C GLU A 56 21.91 -18.47 -12.41
N ALA A 57 23.09 -18.01 -12.01
CA ALA A 57 23.44 -16.59 -12.17
C ALA A 57 23.35 -16.08 -13.62
N GLN A 58 23.77 -16.91 -14.57
CA GLN A 58 23.81 -16.47 -15.96
C GLN A 58 22.44 -15.96 -16.42
N GLY A 59 21.40 -16.40 -15.72
CA GLY A 59 20.05 -15.97 -16.04
C GLY A 59 19.92 -14.47 -15.93
N ALA A 60 20.46 -13.95 -14.83
CA ALA A 60 20.40 -12.52 -14.57
C ALA A 60 21.15 -11.67 -15.60
N LEU A 61 22.27 -12.16 -16.13
CA LEU A 61 23.03 -11.40 -17.12
C LEU A 61 22.18 -11.15 -18.37
N ALA A 62 21.39 -12.16 -18.77
CA ALA A 62 20.50 -11.98 -19.90
C ALA A 62 19.37 -11.02 -19.58
N ASN A 63 18.84 -11.06 -18.36
CA ASN A 63 17.81 -10.09 -18.04
C ASN A 63 18.40 -8.68 -18.07
N ILE A 64 19.55 -8.50 -17.43
CA ILE A 64 20.22 -7.20 -17.41
C ILE A 64 20.49 -6.68 -18.81
N ALA A 65 20.79 -7.58 -19.73
CA ALA A 65 21.11 -7.13 -21.08
C ALA A 65 19.86 -6.51 -21.70
N VAL A 66 18.71 -7.16 -21.48
CA VAL A 66 17.41 -6.63 -21.89
C VAL A 66 17.03 -5.33 -21.15
N ASP A 67 17.18 -5.31 -19.84
CA ASP A 67 16.88 -4.09 -19.09
C ASP A 67 17.63 -2.89 -19.64
N LYS A 68 18.92 -3.09 -19.93
CA LYS A 68 19.78 -2.05 -20.54
C LYS A 68 19.28 -1.57 -21.91
N ALA A 69 19.01 -2.50 -22.80
CA ALA A 69 18.38 -2.15 -24.08
C ALA A 69 17.09 -1.33 -23.85
N ASN A 70 16.25 -1.74 -22.90
CA ASN A 70 15.01 -1.01 -22.64
C ASN A 70 15.25 0.39 -22.10
N LEU A 71 16.25 0.55 -21.25
CA LEU A 71 16.57 1.86 -20.68
C LEU A 71 16.94 2.83 -21.76
N GLU A 72 17.71 2.35 -22.73
CA GLU A 72 18.12 3.26 -23.80
C GLU A 72 16.92 3.70 -24.65
N ILE A 73 16.09 2.73 -25.05
CA ILE A 73 14.84 3.04 -25.76
C ILE A 73 14.01 4.07 -24.99
N MET A 74 13.81 3.80 -23.70
CA MET A 74 13.01 4.66 -22.82
C MET A 74 13.62 6.03 -22.59
N THR A 75 14.94 6.09 -22.50
CA THR A 75 15.61 7.37 -22.34
C THR A 75 15.25 8.29 -23.51
N LYS A 76 15.27 7.73 -24.70
CA LYS A 76 14.97 8.49 -25.90
C LYS A 76 13.48 8.87 -25.93
N ARG A 77 12.61 7.88 -25.78
CA ARG A 77 11.19 8.15 -25.77
C ARG A 77 10.83 9.27 -24.80
N SER A 78 11.53 9.37 -23.67
CA SER A 78 11.23 10.43 -22.72
C SER A 78 11.78 11.77 -23.15
N ASN A 79 12.54 11.77 -24.24
CA ASN A 79 13.26 12.95 -24.70
C ASN A 79 14.39 13.29 -23.73
N TYR A 80 15.08 12.23 -23.29
CA TYR A 80 16.23 12.39 -22.41
C TYR A 80 15.85 13.14 -21.13
N THR A 81 14.76 12.68 -20.50
CA THR A 81 14.33 13.19 -19.22
C THR A 81 15.03 12.45 -18.08
N PRO A 82 15.81 13.17 -17.28
CA PRO A 82 16.63 12.54 -16.25
C PRO A 82 15.85 12.35 -14.95
N ILE A 83 16.34 11.41 -14.15
CA ILE A 83 15.78 11.16 -12.83
C ILE A 83 16.05 12.35 -11.90
N THR A 84 15.08 12.67 -11.06
CA THR A 84 15.22 13.72 -10.05
C THR A 84 15.86 13.13 -8.80
N ASN A 85 16.91 13.76 -8.30
CA ASN A 85 17.57 13.27 -7.09
C ASN A 85 16.63 13.32 -5.89
N VAL A 86 16.55 12.19 -5.17
CA VAL A 86 15.88 12.14 -3.88
C VAL A 86 16.87 11.66 -2.81
N PRO A 87 17.28 12.57 -1.92
CA PRO A 87 18.33 12.27 -0.94
C PRO A 87 17.83 11.33 0.16
N PRO A 88 18.73 10.53 0.72
CA PRO A 88 18.33 9.53 1.72
C PRO A 88 18.17 10.09 3.13
N GLU A 89 17.33 9.46 3.93
CA GLU A 89 17.38 9.61 5.37
C GLU A 89 18.43 8.61 5.85
N VAL A 90 19.37 9.05 6.68
CA VAL A 90 20.34 8.12 7.23
C VAL A 90 20.19 8.01 8.75
N THR A 91 20.17 6.78 9.25
CA THR A 91 20.09 6.56 10.68
C THR A 91 21.08 5.47 11.13
N VAL A 92 21.73 5.68 12.28
CA VAL A 92 22.69 4.71 12.82
C VAL A 92 22.18 4.04 14.09
N LEU A 93 22.29 2.72 14.15
CA LEU A 93 21.85 1.98 15.34
C LEU A 93 22.66 0.69 15.54
N THR A 94 22.35 -0.09 16.58
CA THR A 94 23.11 -1.34 16.81
C THR A 94 22.24 -2.56 16.75
N ASN A 95 22.88 -3.70 16.48
CA ASN A 95 22.23 -4.99 16.55
C ASN A 95 21.44 -5.23 17.85
N SER A 96 22.11 -5.01 18.98
CA SER A 96 21.52 -5.24 20.30
C SER A 96 21.88 -4.07 21.19
N PRO A 97 21.33 -4.05 22.42
CA PRO A 97 21.82 -3.01 23.32
C PRO A 97 23.28 -3.34 23.63
N VAL A 98 24.07 -2.29 23.84
CA VAL A 98 25.51 -2.44 23.86
C VAL A 98 26.07 -2.52 25.28
N GLU A 99 26.83 -3.59 25.56
CA GLU A 99 27.63 -3.64 26.78
C GLU A 99 29.13 -3.80 26.48
N LEU A 100 29.94 -2.98 27.14
CA LEU A 100 31.38 -2.98 26.92
C LEU A 100 31.94 -4.38 26.89
N ARG A 101 32.80 -4.65 25.92
CA ARG A 101 33.53 -5.92 25.85
C ARG A 101 32.70 -7.04 25.22
N GLU A 102 31.43 -6.78 24.97
CA GLU A 102 30.64 -7.70 24.16
C GLU A 102 30.52 -7.21 22.70
N PRO A 103 31.05 -8.00 21.75
CA PRO A 103 30.97 -7.74 20.32
C PRO A 103 29.55 -7.44 19.83
N ASN A 104 29.36 -6.26 19.25
CA ASN A 104 28.10 -5.84 18.67
C ASN A 104 28.34 -5.47 17.20
N VAL A 105 27.32 -4.91 16.54
CA VAL A 105 27.45 -4.45 15.17
C VAL A 105 26.80 -3.09 15.01
N LEU A 106 27.53 -2.16 14.41
CA LEU A 106 26.93 -0.90 14.01
C LEU A 106 26.28 -1.08 12.64
N ILE A 107 25.11 -0.47 12.49
CA ILE A 107 24.34 -0.52 11.27
C ILE A 107 24.09 0.90 10.79
N CYS A 108 24.40 1.16 9.53
CA CYS A 108 24.06 2.42 8.89
C CYS A 108 22.91 2.17 7.92
N PHE A 109 21.76 2.71 8.27
CA PHE A 109 20.53 2.52 7.51
C PHE A 109 20.24 3.74 6.66
N ILE A 110 20.24 3.52 5.35
CA ILE A 110 20.09 4.58 4.35
C ILE A 110 18.81 4.31 3.60
N ASP A 111 17.90 5.29 3.59
CA ASP A 111 16.52 5.02 3.23
C ASP A 111 15.92 6.09 2.32
N LYS A 112 14.99 5.67 1.47
CA LYS A 112 14.16 6.57 0.65
C LYS A 112 14.92 7.43 -0.32
N PHE A 113 15.76 6.82 -1.17
CA PHE A 113 16.59 7.59 -2.09
C PHE A 113 16.65 7.08 -3.53
N THR A 114 17.02 7.98 -4.44
CA THR A 114 17.26 7.62 -5.83
C THR A 114 18.08 8.68 -6.55
N PRO A 115 18.92 8.27 -7.51
CA PRO A 115 19.16 6.91 -7.99
C PRO A 115 20.02 6.06 -7.04
N PRO A 116 20.10 4.76 -7.29
CA PRO A 116 20.85 3.82 -6.47
C PRO A 116 22.36 4.00 -6.62
N VAL A 117 22.86 5.14 -6.17
CA VAL A 117 24.31 5.33 -6.01
C VAL A 117 24.62 6.13 -4.74
N VAL A 118 25.46 5.59 -3.88
CA VAL A 118 25.87 6.30 -2.68
C VAL A 118 27.28 5.94 -2.23
N ASN A 119 28.01 6.95 -1.81
CA ASN A 119 29.29 6.69 -1.22
C ASN A 119 29.17 6.63 0.31
N VAL A 120 29.41 5.46 0.88
CA VAL A 120 29.25 5.28 2.32
C VAL A 120 30.59 4.96 2.98
N THR A 121 31.00 5.78 3.95
CA THR A 121 32.24 5.50 4.65
C THR A 121 32.06 5.44 6.16
N TRP A 122 32.59 4.39 6.77
CA TRP A 122 32.63 4.28 8.23
C TRP A 122 33.93 4.90 8.79
N LEU A 123 33.80 5.54 9.95
CA LEU A 123 34.94 6.15 10.61
C LEU A 123 34.99 5.72 12.08
N ARG A 124 36.05 5.02 12.45
CA ARG A 124 36.39 4.82 13.88
C ARG A 124 37.41 5.87 14.29
N ASN A 125 37.02 6.73 15.23
CA ASN A 125 37.93 7.76 15.74
C ASN A 125 38.42 8.69 14.62
N GLY A 126 37.52 9.01 13.69
CA GLY A 126 37.83 9.96 12.63
C GLY A 126 38.58 9.41 11.44
N LYS A 127 39.02 8.16 11.51
CA LYS A 127 39.76 7.54 10.40
C LYS A 127 38.91 6.47 9.68
N PRO A 128 39.10 6.36 8.36
CA PRO A 128 38.28 5.45 7.56
C PRO A 128 38.55 3.95 7.81
N VAL A 129 37.51 3.21 8.19
CA VAL A 129 37.57 1.76 8.31
C VAL A 129 37.23 1.07 6.99
N THR A 130 38.08 0.14 6.57
CA THR A 130 37.73 -0.78 5.48
C THR A 130 38.33 -2.14 5.76
N THR A 131 37.74 -2.83 6.72
CA THR A 131 38.14 -4.19 7.07
C THR A 131 37.04 -4.66 7.99
N GLY A 132 36.37 -5.73 7.63
CA GLY A 132 35.26 -6.21 8.42
C GLY A 132 33.94 -5.55 8.11
N VAL A 133 33.95 -4.36 7.48
CA VAL A 133 32.69 -3.73 7.09
C VAL A 133 32.02 -4.53 5.97
N SER A 134 30.70 -4.48 5.94
CA SER A 134 29.94 -5.16 4.89
C SER A 134 28.69 -4.34 4.53
N GLU A 135 27.98 -4.74 3.48
CA GLU A 135 26.84 -3.94 3.02
C GLU A 135 25.88 -4.79 2.24
N THR A 136 24.65 -4.33 2.13
CA THR A 136 23.69 -4.98 1.23
C THR A 136 23.70 -4.23 -0.09
N VAL A 137 23.06 -4.83 -1.09
CA VAL A 137 22.81 -4.16 -2.35
C VAL A 137 21.66 -3.18 -2.16
N PHE A 138 21.20 -2.56 -3.24
CA PHE A 138 20.09 -1.62 -3.15
C PHE A 138 18.76 -2.37 -3.10
N LEU A 139 18.01 -2.11 -2.04
CA LEU A 139 16.77 -2.81 -1.76
C LEU A 139 15.58 -1.99 -2.25
N PRO A 140 14.57 -2.67 -2.82
CA PRO A 140 13.40 -2.02 -3.43
C PRO A 140 12.42 -1.48 -2.39
N ARG A 141 11.58 -0.52 -2.81
CA ARG A 141 10.48 0.01 -1.98
C ARG A 141 9.23 0.26 -2.83
N GLU A 142 8.05 0.20 -2.22
CA GLU A 142 6.80 0.48 -2.92
C GLU A 142 6.84 1.74 -3.77
N ASP A 143 7.48 2.79 -3.26
CA ASP A 143 7.47 4.07 -3.97
C ASP A 143 8.58 4.13 -5.00
N HIS A 144 9.22 2.97 -5.21
CA HIS A 144 10.26 2.81 -6.20
C HIS A 144 11.56 3.56 -5.88
N LEU A 145 11.70 3.97 -4.61
CA LEU A 145 12.98 4.45 -4.12
C LEU A 145 13.75 3.24 -3.60
N PHE A 146 14.92 3.46 -3.03
CA PHE A 146 15.75 2.32 -2.59
C PHE A 146 16.11 2.41 -1.14
N ARG A 147 16.63 1.33 -0.58
CA ARG A 147 17.27 1.42 0.73
C ARG A 147 18.44 0.49 0.83
N LYS A 148 19.25 0.66 1.87
CA LYS A 148 20.54 0.00 1.94
C LYS A 148 21.10 0.00 3.34
N PHE A 149 21.76 -1.10 3.72
CA PHE A 149 22.39 -1.20 5.01
C PHE A 149 23.89 -1.38 4.83
N HIS A 150 24.68 -0.63 5.62
CA HIS A 150 26.10 -0.93 5.83
C HIS A 150 26.30 -1.39 7.28
N TYR A 151 27.19 -2.37 7.45
CA TYR A 151 27.47 -2.93 8.76
C TYR A 151 28.94 -2.83 9.17
N LEU A 152 29.16 -2.60 10.47
CA LEU A 152 30.50 -2.63 11.04
C LEU A 152 30.55 -3.33 12.40
N PRO A 153 31.20 -4.49 12.45
CA PRO A 153 31.40 -5.15 13.76
C PRO A 153 32.33 -4.29 14.61
N PHE A 154 32.16 -4.34 15.92
CA PHE A 154 33.02 -3.59 16.81
C PHE A 154 32.99 -4.12 18.23
N LEU A 155 33.98 -3.70 19.02
CA LEU A 155 34.06 -4.06 20.41
C LEU A 155 33.82 -2.77 21.20
N PRO A 156 32.66 -2.67 21.86
CA PRO A 156 32.26 -1.40 22.47
C PRO A 156 33.27 -0.98 23.54
N SER A 157 33.58 0.31 23.58
CA SER A 157 34.53 0.86 24.54
C SER A 157 34.29 2.36 24.71
N THR A 158 34.70 2.91 25.85
CA THR A 158 34.60 4.35 26.08
C THR A 158 35.68 5.11 25.28
N GLU A 159 36.79 4.43 24.99
CA GLU A 159 37.92 5.04 24.29
C GLU A 159 37.58 5.48 22.85
N ASP A 160 36.58 4.82 22.27
CA ASP A 160 36.30 4.90 20.83
C ASP A 160 35.01 5.64 20.46
N VAL A 161 35.02 6.24 19.28
CA VAL A 161 33.86 6.96 18.78
C VAL A 161 33.65 6.62 17.28
N TYR A 162 32.44 6.82 16.75
CA TYR A 162 32.13 6.41 15.37
C TYR A 162 31.27 7.38 14.58
N ASP A 163 31.50 7.44 13.28
CA ASP A 163 30.62 8.16 12.34
C ASP A 163 30.42 7.38 11.04
N CYS A 164 29.24 7.52 10.46
CA CYS A 164 28.91 6.96 9.17
C CYS A 164 28.64 8.13 8.21
N ARG A 165 29.51 8.28 7.22
CA ARG A 165 29.34 9.33 6.23
C ARG A 165 28.76 8.78 4.93
N VAL A 166 27.78 9.52 4.43
CA VAL A 166 26.96 9.12 3.30
C VAL A 166 26.93 10.26 2.29
N GLU A 167 27.39 9.97 1.08
CA GLU A 167 27.35 10.93 -0.01
C GLU A 167 26.34 10.50 -1.05
N HIS A 168 25.50 11.44 -1.47
CA HIS A 168 24.52 11.19 -2.53
C HIS A 168 24.26 12.48 -3.29
N TRP A 169 24.04 12.38 -4.60
CA TRP A 169 23.94 13.56 -5.44
C TRP A 169 22.76 14.44 -5.10
N GLY A 170 21.91 13.98 -4.18
CA GLY A 170 20.73 14.73 -3.83
C GLY A 170 20.93 15.53 -2.54
N LEU A 171 22.13 15.44 -1.99
CA LEU A 171 22.49 16.11 -0.76
C LEU A 171 23.45 17.27 -1.03
N ASP A 172 23.15 18.43 -0.46
CA ASP A 172 24.03 19.59 -0.55
C ASP A 172 25.41 19.26 -0.01
N GLU A 173 25.43 18.69 1.19
CA GLU A 173 26.68 18.21 1.75
C GLU A 173 26.48 16.86 2.42
N PRO A 174 27.54 16.05 2.47
CA PRO A 174 27.59 14.74 3.11
C PRO A 174 26.82 14.72 4.43
N LEU A 175 26.19 13.61 4.75
CA LEU A 175 25.62 13.40 6.07
C LEU A 175 26.61 12.68 6.95
N LEU A 176 26.95 13.28 8.09
CA LEU A 176 27.72 12.58 9.10
C LEU A 176 26.75 12.09 10.15
N LYS A 177 26.96 10.88 10.63
CA LYS A 177 26.04 10.31 11.59
C LYS A 177 26.82 9.72 12.74
N HIS A 178 26.70 10.31 13.92
CA HIS A 178 27.56 9.94 15.04
C HIS A 178 26.99 8.87 15.97
N TRP A 179 27.88 8.04 16.50
CA TRP A 179 27.50 7.13 17.56
C TRP A 179 28.66 6.90 18.54
N GLU A 180 28.35 6.94 19.83
CA GLU A 180 29.32 6.60 20.88
C GLU A 180 28.60 6.07 22.10
N PHE A 181 29.24 5.13 22.78
CA PHE A 181 28.77 4.55 24.02
C PHE A 181 28.34 5.61 25.03
N GLY B 2 30.79 15.77 -7.28
CA GLY B 2 31.09 16.81 -8.25
C GLY B 2 30.53 16.38 -9.58
N ASP B 3 30.04 15.14 -9.58
CA ASP B 3 29.47 14.46 -10.73
C ASP B 3 28.02 14.87 -10.88
N THR B 4 27.73 15.75 -11.82
CA THR B 4 26.36 16.23 -11.98
C THR B 4 25.73 15.70 -13.26
N ARG B 5 26.42 14.81 -13.96
CA ARG B 5 25.87 14.21 -15.16
C ARG B 5 24.44 13.69 -14.92
N PRO B 6 23.57 13.80 -15.93
CA PRO B 6 22.21 13.28 -15.86
C PRO B 6 22.17 11.76 -15.66
N ARG B 7 21.28 11.29 -14.80
CA ARG B 7 21.10 9.85 -14.63
C ARG B 7 19.75 9.36 -15.20
N PHE B 8 19.76 8.16 -15.74
CA PHE B 8 18.57 7.58 -16.32
C PHE B 8 18.39 6.17 -15.78
N LEU B 9 17.23 5.90 -15.19
CA LEU B 9 17.02 4.65 -14.49
C LEU B 9 15.85 3.83 -15.02
N TRP B 10 16.07 2.54 -15.23
CA TRP B 10 15.01 1.63 -15.59
C TRP B 10 14.95 0.46 -14.60
N GLN B 11 13.75 0.19 -14.05
CA GLN B 11 13.55 -0.86 -13.04
C GLN B 11 12.49 -1.84 -13.49
N LEU B 12 12.70 -3.13 -13.24
CA LEU B 12 11.71 -4.16 -13.59
C LEU B 12 11.47 -4.98 -12.34
N LYS B 13 10.21 -5.07 -11.92
CA LYS B 13 9.86 -5.81 -10.70
C LYS B 13 8.76 -6.83 -10.92
N PHE B 14 9.06 -8.10 -10.68
CA PHE B 14 8.03 -9.13 -10.63
C PHE B 14 7.59 -9.34 -9.18
N GLU B 15 6.36 -8.98 -8.86
CA GLU B 15 5.88 -9.13 -7.49
C GLU B 15 4.96 -10.31 -7.38
N CYS B 16 5.33 -11.25 -6.52
CA CYS B 16 4.48 -12.39 -6.24
C CYS B 16 3.79 -12.22 -4.88
N HIS B 17 2.47 -12.13 -4.92
CA HIS B 17 1.68 -11.93 -3.71
C HIS B 17 0.97 -13.21 -3.28
N PHE B 18 1.13 -13.57 -2.01
CA PHE B 18 0.67 -14.86 -1.49
C PHE B 18 -0.35 -14.70 -0.36
N PHE B 19 -1.47 -15.38 -0.53
CA PHE B 19 -2.54 -15.37 0.47
C PHE B 19 -2.84 -16.81 0.87
N ASN B 20 -2.84 -17.07 2.18
CA ASN B 20 -3.16 -18.39 2.71
C ASN B 20 -2.32 -19.48 2.07
N GLY B 21 -1.07 -19.59 2.48
CA GLY B 21 -0.13 -20.46 1.79
C GLY B 21 0.08 -20.03 0.35
N THR B 22 -0.19 -20.95 -0.59
CA THR B 22 -0.19 -20.58 -2.00
C THR B 22 -1.59 -20.71 -2.56
N GLU B 23 -2.59 -20.43 -1.71
CA GLU B 23 -3.98 -20.57 -2.11
C GLU B 23 -4.42 -19.52 -3.14
N ARG B 24 -4.16 -18.24 -2.83
CA ARG B 24 -4.35 -17.15 -3.78
C ARG B 24 -2.99 -16.55 -4.10
N VAL B 25 -2.60 -16.63 -5.36
CA VAL B 25 -1.38 -16.00 -5.84
C VAL B 25 -1.75 -14.95 -6.86
N ARG B 26 -1.15 -13.76 -6.73
CA ARG B 26 -1.32 -12.70 -7.71
C ARG B 26 0.07 -12.23 -8.17
N LEU B 27 0.28 -12.19 -9.48
CA LEU B 27 1.54 -11.72 -10.03
C LEU B 27 1.38 -10.29 -10.48
N LEU B 28 2.38 -9.48 -10.16
CA LEU B 28 2.38 -8.08 -10.54
C LEU B 28 3.75 -7.70 -11.12
N GLU B 29 3.85 -7.61 -12.45
CA GLU B 29 5.06 -7.18 -13.14
C GLU B 29 4.98 -5.67 -13.32
N ARG B 30 5.94 -4.94 -12.74
CA ARG B 30 5.96 -3.47 -12.85
C ARG B 30 7.18 -2.89 -13.58
N CYS B 31 6.92 -1.96 -14.50
CA CYS B 31 7.98 -1.28 -15.23
C CYS B 31 8.10 0.16 -14.77
N ILE B 32 9.25 0.53 -14.25
CA ILE B 32 9.43 1.89 -13.78
C ILE B 32 10.60 2.61 -14.46
N TYR B 33 10.31 3.74 -15.09
CA TYR B 33 11.35 4.62 -15.61
C TYR B 33 11.56 5.76 -14.65
N ASN B 34 12.81 5.97 -14.26
CA ASN B 34 13.16 6.99 -13.27
C ASN B 34 12.37 6.78 -11.98
N GLN B 35 11.29 7.52 -11.77
CA GLN B 35 10.49 7.22 -10.58
C GLN B 35 9.03 6.92 -10.90
N GLU B 36 8.74 6.76 -12.18
CA GLU B 36 7.39 6.71 -12.67
C GLU B 36 7.16 5.31 -13.24
N GLU B 37 6.27 4.55 -12.61
CA GLU B 37 5.82 3.27 -13.15
C GLU B 37 5.02 3.56 -14.42
N SER B 38 5.38 2.91 -15.52
CA SER B 38 4.85 3.29 -16.82
C SER B 38 3.89 2.26 -17.41
N VAL B 39 4.04 1.02 -17.00
CA VAL B 39 3.22 -0.05 -17.55
C VAL B 39 3.34 -1.27 -16.64
N ARG B 40 2.26 -2.03 -16.50
CA ARG B 40 2.31 -3.21 -15.63
C ARG B 40 1.50 -4.36 -16.21
N PHE B 41 1.76 -5.56 -15.73
CA PHE B 41 0.91 -6.69 -16.03
C PHE B 41 0.42 -7.19 -14.71
N ASP B 42 -0.90 -7.16 -14.54
CA ASP B 42 -1.55 -7.67 -13.34
C ASP B 42 -2.16 -9.02 -13.66
N SER B 43 -1.84 -10.04 -12.88
CA SER B 43 -2.39 -11.35 -13.20
C SER B 43 -3.91 -11.28 -13.09
N ASP B 44 -4.40 -10.43 -12.19
CA ASP B 44 -5.84 -10.32 -11.98
C ASP B 44 -6.49 -9.95 -13.29
N VAL B 45 -5.72 -9.34 -14.18
CA VAL B 45 -6.23 -8.87 -15.46
C VAL B 45 -5.86 -9.79 -16.64
N GLY B 46 -4.66 -10.34 -16.65
CA GLY B 46 -4.19 -11.15 -17.78
C GLY B 46 -3.74 -10.39 -19.02
N GLU B 47 -3.57 -9.09 -18.89
CA GLU B 47 -3.03 -8.28 -19.98
C GLU B 47 -2.19 -7.14 -19.41
N TYR B 48 -1.30 -6.57 -20.22
CA TYR B 48 -0.55 -5.37 -19.83
C TYR B 48 -1.48 -4.16 -19.89
N ARG B 49 -1.30 -3.22 -18.98
CA ARG B 49 -2.01 -1.95 -19.04
C ARG B 49 -1.04 -0.79 -18.84
N ALA B 50 -1.15 0.24 -19.67
CA ALA B 50 -0.36 1.43 -19.45
C ALA B 50 -0.73 2.03 -18.10
N VAL B 51 0.26 2.52 -17.37
CA VAL B 51 0.00 3.21 -16.12
C VAL B 51 0.05 4.70 -16.42
N THR B 52 0.88 5.06 -17.40
CA THR B 52 0.99 6.42 -17.89
C THR B 52 1.15 6.37 -19.39
N GLU B 53 1.08 7.53 -20.04
CA GLU B 53 1.24 7.59 -21.48
C GLU B 53 2.54 6.92 -21.97
N LEU B 54 3.64 7.22 -21.30
CA LEU B 54 4.93 6.68 -21.71
C LEU B 54 4.90 5.16 -21.86
N GLY B 55 4.03 4.50 -21.12
CA GLY B 55 3.96 3.05 -21.18
C GLY B 55 3.04 2.48 -22.23
N ARG B 56 2.22 3.33 -22.84
CA ARG B 56 1.20 2.88 -23.80
C ARG B 56 1.78 2.02 -24.91
N PRO B 57 2.83 2.50 -25.57
CA PRO B 57 3.39 1.69 -26.67
C PRO B 57 3.80 0.28 -26.23
N ASP B 58 4.28 0.13 -24.99
CA ASP B 58 4.76 -1.17 -24.54
C ASP B 58 3.60 -2.14 -24.24
N ALA B 59 2.52 -1.61 -23.66
CA ALA B 59 1.37 -2.44 -23.33
C ALA B 59 0.71 -2.93 -24.60
N GLU B 60 0.42 -1.98 -25.49
CA GLU B 60 -0.18 -2.34 -26.76
C GLU B 60 0.71 -3.37 -27.44
N TYR B 61 2.00 -3.06 -27.56
CA TYR B 61 2.87 -3.98 -28.28
C TYR B 61 2.99 -5.35 -27.60
N TRP B 62 3.23 -5.37 -26.30
CA TRP B 62 3.42 -6.65 -25.63
C TRP B 62 2.13 -7.48 -25.60
N ASN B 63 0.99 -6.79 -25.46
CA ASN B 63 -0.30 -7.46 -25.54
C ASN B 63 -0.52 -8.18 -26.87
N SER B 64 0.15 -7.71 -27.93
CA SER B 64 0.00 -8.36 -29.22
C SER B 64 0.85 -9.64 -29.41
N GLN B 65 1.69 -9.97 -28.44
CA GLN B 65 2.50 -11.19 -28.51
C GLN B 65 1.81 -12.34 -27.78
N LYS B 66 0.95 -13.05 -28.47
CA LYS B 66 0.13 -14.04 -27.80
C LYS B 66 0.93 -15.11 -27.04
N ASP B 67 2.00 -15.64 -27.63
CA ASP B 67 2.73 -16.74 -26.97
C ASP B 67 3.32 -16.30 -25.62
N LEU B 68 3.82 -15.07 -25.60
CA LEU B 68 4.43 -14.51 -24.40
C LEU B 68 3.39 -14.15 -23.35
N LEU B 69 2.25 -13.59 -23.78
CA LEU B 69 1.17 -13.30 -22.84
C LEU B 69 0.71 -14.58 -22.13
N GLU B 70 0.59 -15.66 -22.89
CA GLU B 70 0.14 -16.90 -22.30
C GLU B 70 1.12 -17.32 -21.22
N GLN B 71 2.40 -17.24 -21.56
CA GLN B 71 3.46 -17.53 -20.61
C GLN B 71 3.39 -16.68 -19.34
N ARG B 72 2.98 -15.42 -19.47
CA ARG B 72 2.82 -14.56 -18.31
C ARG B 72 1.61 -14.97 -17.47
N ARG B 73 0.54 -15.40 -18.12
CA ARG B 73 -0.62 -15.84 -17.37
C ARG B 73 -0.32 -17.12 -16.62
N ALA B 74 0.64 -17.90 -17.12
CA ALA B 74 1.02 -19.17 -16.49
C ALA B 74 1.93 -18.95 -15.30
N ALA B 75 2.46 -17.73 -15.21
CA ALA B 75 3.50 -17.41 -14.25
C ALA B 75 3.09 -17.59 -12.80
N VAL B 76 1.82 -17.40 -12.49
CA VAL B 76 1.38 -17.61 -11.11
C VAL B 76 1.73 -19.02 -10.65
N ASP B 77 1.60 -19.99 -11.56
CA ASP B 77 1.96 -21.39 -11.26
C ASP B 77 3.42 -21.74 -11.54
N THR B 78 3.91 -21.38 -12.74
CA THR B 78 5.26 -21.76 -13.14
C THR B 78 6.36 -21.02 -12.37
N TYR B 79 6.05 -19.84 -11.86
CA TYR B 79 7.08 -18.96 -11.34
C TYR B 79 6.88 -18.62 -9.88
N CYS B 80 5.73 -18.05 -9.54
CA CYS B 80 5.43 -17.70 -8.14
C CYS B 80 5.30 -18.90 -7.22
N ARG B 81 4.41 -19.83 -7.55
CA ARG B 81 4.19 -20.98 -6.69
C ARG B 81 5.45 -21.82 -6.62
N HIS B 82 6.15 -21.91 -7.73
CA HIS B 82 7.41 -22.64 -7.75
C HIS B 82 8.45 -22.06 -6.76
N ASN B 83 8.82 -20.79 -6.94
CA ASN B 83 9.75 -20.15 -6.03
C ASN B 83 9.25 -20.16 -4.59
N TYR B 84 7.94 -20.06 -4.42
CA TYR B 84 7.40 -20.11 -3.07
C TYR B 84 7.85 -21.41 -2.39
N GLY B 85 7.71 -22.52 -3.10
CA GLY B 85 8.10 -23.81 -2.56
C GLY B 85 9.60 -23.95 -2.38
N VAL B 86 10.37 -23.56 -3.40
CA VAL B 86 11.80 -23.70 -3.32
C VAL B 86 12.32 -23.03 -2.06
N GLY B 87 11.78 -21.85 -1.75
CA GLY B 87 12.35 -21.02 -0.70
C GLY B 87 11.62 -20.96 0.63
N GLU B 88 10.45 -21.58 0.68
CA GLU B 88 9.56 -21.45 1.83
C GLU B 88 10.11 -22.01 3.18
N SER B 89 11.04 -22.96 3.12
CA SER B 89 11.57 -23.61 4.31
C SER B 89 12.61 -22.80 5.11
N PHE B 90 13.12 -21.72 4.53
CA PHE B 90 14.08 -20.86 5.24
C PHE B 90 13.61 -19.39 5.31
N THR B 91 12.46 -19.12 4.70
CA THR B 91 11.89 -17.77 4.77
C THR B 91 10.63 -17.75 5.61
N VAL B 92 9.59 -18.43 5.12
CA VAL B 92 8.32 -18.48 5.81
C VAL B 92 8.46 -19.18 7.14
N GLN B 93 9.16 -20.31 7.13
CA GLN B 93 9.35 -21.11 8.35
C GLN B 93 10.40 -20.53 9.29
N ARG B 94 11.06 -19.44 8.88
CA ARG B 94 12.12 -18.88 9.69
C ARG B 94 11.56 -18.42 11.05
N ARG B 95 12.21 -18.85 12.12
CA ARG B 95 11.90 -18.35 13.47
C ARG B 95 13.20 -18.08 14.25
N VAL B 96 13.32 -16.87 14.78
CA VAL B 96 14.49 -16.52 15.57
C VAL B 96 13.99 -15.70 16.74
N GLU B 97 14.33 -16.19 17.93
CA GLU B 97 13.74 -15.75 19.17
C GLU B 97 14.28 -14.40 19.64
N PRO B 98 13.42 -13.55 20.19
CA PRO B 98 13.79 -12.21 20.65
C PRO B 98 14.77 -12.25 21.82
N LYS B 99 15.37 -11.12 22.11
CA LYS B 99 16.22 -10.99 23.27
C LYS B 99 15.71 -9.73 23.98
N VAL B 100 15.41 -9.85 25.27
CA VAL B 100 14.80 -8.74 25.98
C VAL B 100 15.66 -8.16 27.10
N THR B 101 15.66 -6.84 27.19
CA THR B 101 16.48 -6.14 28.15
C THR B 101 15.67 -4.95 28.60
N VAL B 102 15.74 -4.62 29.88
CA VAL B 102 15.06 -3.43 30.41
C VAL B 102 16.07 -2.46 31.03
N TYR B 103 15.75 -1.17 31.05
CA TYR B 103 16.66 -0.18 31.62
C TYR B 103 16.10 1.24 31.53
N PRO B 104 16.42 2.08 32.52
CA PRO B 104 15.98 3.46 32.46
C PRO B 104 16.68 4.16 31.31
N SER B 105 16.08 5.22 30.80
CA SER B 105 16.67 6.00 29.71
C SER B 105 17.43 7.21 30.27
N ASN B 114 12.34 8.47 35.21
CA ASN B 114 11.44 9.18 34.30
C ASN B 114 10.96 8.33 33.10
N LEU B 115 11.82 7.45 32.59
CA LEU B 115 11.48 6.63 31.42
C LEU B 115 12.08 5.22 31.46
N LEU B 116 11.23 4.21 31.35
CA LEU B 116 11.66 2.82 31.24
C LEU B 116 11.69 2.35 29.79
N VAL B 117 12.78 1.70 29.38
CA VAL B 117 12.88 1.15 28.04
C VAL B 117 12.82 -0.36 28.05
N CYS B 118 12.08 -0.92 27.11
CA CYS B 118 12.13 -2.34 26.89
C CYS B 118 12.70 -2.62 25.49
N SER B 119 13.99 -2.96 25.46
CA SER B 119 14.61 -3.38 24.22
C SER B 119 14.28 -4.82 23.89
N VAL B 120 13.78 -5.05 22.68
CA VAL B 120 13.47 -6.40 22.21
C VAL B 120 14.14 -6.58 20.86
N SER B 121 15.14 -7.44 20.78
CA SER B 121 15.95 -7.48 19.57
C SER B 121 16.32 -8.86 19.05
N GLY B 122 16.69 -8.89 17.78
CA GLY B 122 17.25 -10.07 17.15
C GLY B 122 16.22 -11.04 16.63
N PHE B 123 14.96 -10.62 16.61
CA PHE B 123 13.89 -11.59 16.33
C PHE B 123 13.42 -11.64 14.87
N TYR B 124 12.79 -12.76 14.52
CA TYR B 124 12.18 -12.95 13.21
C TYR B 124 11.12 -14.04 13.29
N PRO B 125 9.94 -13.83 12.68
CA PRO B 125 9.45 -12.71 11.87
C PRO B 125 9.19 -11.46 12.69
N GLY B 126 8.55 -10.47 12.06
CA GLY B 126 8.37 -9.16 12.66
C GLY B 126 7.09 -8.95 13.47
N SER B 127 6.13 -9.86 13.31
CA SER B 127 4.88 -9.78 14.05
C SER B 127 5.17 -10.14 15.50
N ILE B 128 5.03 -9.15 16.39
CA ILE B 128 5.36 -9.33 17.79
C ILE B 128 4.43 -8.53 18.71
N GLU B 129 4.35 -8.93 19.98
CA GLU B 129 3.47 -8.28 20.95
C GLU B 129 4.25 -7.92 22.22
N VAL B 130 4.24 -6.64 22.57
CA VAL B 130 5.05 -6.14 23.69
C VAL B 130 4.23 -5.25 24.62
N ARG B 131 4.16 -5.63 25.90
CA ARG B 131 3.27 -4.95 26.84
C ARG B 131 3.91 -4.75 28.22
N TRP B 132 3.67 -3.60 28.83
CA TRP B 132 4.16 -3.26 30.16
C TRP B 132 3.16 -3.57 31.29
N PHE B 133 3.67 -3.82 32.49
CA PHE B 133 2.84 -4.00 33.69
C PHE B 133 3.47 -3.30 34.89
N ARG B 134 2.69 -2.53 35.62
CA ARG B 134 3.16 -2.02 36.90
C ARG B 134 2.42 -2.75 37.99
N ASN B 135 3.18 -3.39 38.88
CA ASN B 135 2.62 -4.17 39.97
C ASN B 135 1.44 -5.03 39.49
N GLY B 136 1.61 -5.69 38.35
CA GLY B 136 0.66 -6.69 37.89
C GLY B 136 -0.53 -6.23 37.06
N GLN B 137 -0.69 -4.90 36.91
CA GLN B 137 -1.73 -4.35 36.05
C GLN B 137 -1.15 -3.75 34.76
N GLU B 138 -1.66 -4.17 33.61
CA GLU B 138 -1.17 -3.66 32.33
C GLU B 138 -1.20 -2.13 32.29
N GLU B 139 -0.09 -1.55 31.84
CA GLU B 139 0.01 -0.12 31.65
C GLU B 139 -0.13 0.18 30.15
N LYS B 140 -1.02 1.11 29.78
CA LYS B 140 -1.21 1.41 28.36
C LYS B 140 -1.10 2.89 28.05
N ALA B 141 -1.65 3.72 28.93
CA ALA B 141 -1.36 5.14 28.85
C ALA B 141 0.15 5.27 29.10
N GLY B 142 0.77 6.26 28.48
CA GLY B 142 2.17 6.55 28.74
C GLY B 142 3.19 5.70 27.96
N VAL B 143 2.68 4.79 27.12
CA VAL B 143 3.53 3.92 26.33
C VAL B 143 3.79 4.47 24.93
N VAL B 144 5.06 4.74 24.63
CA VAL B 144 5.49 5.17 23.30
C VAL B 144 6.48 4.17 22.71
N SER B 145 6.45 4.02 21.40
CA SER B 145 7.32 3.03 20.81
C SER B 145 8.05 3.47 19.55
N THR B 146 9.07 2.70 19.22
CA THR B 146 9.97 3.01 18.15
C THR B 146 9.37 2.49 16.83
N GLY B 147 8.35 1.65 16.94
CA GLY B 147 7.82 0.97 15.77
C GLY B 147 8.67 -0.24 15.46
N LEU B 148 8.34 -0.95 14.40
CA LEU B 148 9.11 -2.11 14.00
C LEU B 148 10.33 -1.70 13.16
N ILE B 149 11.44 -2.43 13.30
CA ILE B 149 12.67 -2.02 12.64
C ILE B 149 13.43 -3.17 11.99
N GLN B 150 13.54 -3.12 10.66
CA GLN B 150 14.36 -4.09 9.95
C GLN B 150 15.85 -3.73 10.01
N ASN B 151 16.67 -4.70 10.38
CA ASN B 151 18.12 -4.57 10.41
C ASN B 151 18.75 -4.96 9.07
N GLY B 152 17.93 -5.55 8.18
CA GLY B 152 18.39 -5.91 6.86
C GLY B 152 19.18 -7.21 6.84
N ASP B 153 19.26 -7.86 7.99
CA ASP B 153 20.01 -9.09 8.10
C ASP B 153 19.06 -10.22 8.47
N TRP B 154 17.77 -10.01 8.20
CA TRP B 154 16.72 -10.97 8.54
C TRP B 154 16.46 -11.06 10.02
N THR B 155 16.52 -9.90 10.68
CA THR B 155 16.09 -9.81 12.06
C THR B 155 15.51 -8.43 12.29
N PHE B 156 14.64 -8.32 13.30
CA PHE B 156 13.99 -7.06 13.65
C PHE B 156 14.39 -6.63 15.06
N GLN B 157 14.01 -5.40 15.40
CA GLN B 157 14.21 -4.97 16.76
C GLN B 157 13.20 -3.87 17.03
N THR B 158 13.04 -3.53 18.31
CA THR B 158 12.13 -2.47 18.70
C THR B 158 12.34 -2.02 20.16
N LEU B 159 12.03 -0.76 20.40
CA LEU B 159 12.03 -0.20 21.75
C LEU B 159 10.63 0.25 22.16
N VAL B 160 10.13 -0.31 23.24
CA VAL B 160 8.85 0.14 23.81
C VAL B 160 9.08 0.85 25.13
N MET B 161 8.94 2.18 25.13
CA MET B 161 9.14 2.99 26.33
C MET B 161 7.89 3.17 27.18
N LEU B 162 8.10 3.18 28.49
CA LEU B 162 7.04 3.46 29.44
C LEU B 162 7.43 4.68 30.24
N GLU B 163 6.54 5.66 30.28
CA GLU B 163 6.77 6.89 31.02
C GLU B 163 6.15 6.76 32.41
N THR B 164 6.98 6.91 33.45
CA THR B 164 6.51 6.87 34.84
C THR B 164 7.52 7.42 35.84
N VAL B 165 7.00 7.86 36.98
CA VAL B 165 7.79 8.03 38.19
C VAL B 165 7.39 6.95 39.18
N PRO B 166 8.33 6.07 39.52
CA PRO B 166 8.14 4.91 40.39
C PRO B 166 8.45 5.18 41.85
N ARG B 167 7.50 4.83 42.73
CA ARG B 167 7.82 4.70 44.15
C ARG B 167 8.66 3.43 44.29
N SER B 168 9.67 3.46 45.15
CA SER B 168 10.49 2.27 45.36
C SER B 168 9.62 1.09 45.80
N GLY B 169 10.13 -0.13 45.66
CA GLY B 169 9.37 -1.31 46.00
C GLY B 169 8.32 -1.65 44.94
N GLU B 170 8.37 -0.93 43.83
CA GLU B 170 7.51 -1.20 42.67
C GLU B 170 8.18 -2.16 41.67
N VAL B 171 7.40 -3.08 41.14
CA VAL B 171 7.91 -4.08 40.21
C VAL B 171 7.26 -3.95 38.82
N TYR B 172 7.88 -3.16 37.95
CA TYR B 172 7.45 -3.08 36.56
C TYR B 172 7.95 -4.29 35.79
N THR B 173 7.21 -4.68 34.76
CA THR B 173 7.48 -5.90 34.04
C THR B 173 7.13 -5.78 32.57
N CYS B 174 8.14 -5.96 31.72
CA CYS B 174 7.92 -5.97 30.27
C CYS B 174 7.70 -7.41 29.80
N GLN B 175 6.59 -7.65 29.13
CA GLN B 175 6.29 -8.98 28.63
C GLN B 175 6.21 -8.96 27.11
N VAL B 176 6.80 -9.99 26.50
CA VAL B 176 6.91 -10.07 25.04
C VAL B 176 6.36 -11.39 24.50
N GLU B 177 5.54 -11.30 23.48
CA GLU B 177 4.98 -12.49 22.85
C GLU B 177 5.28 -12.51 21.36
N HIS B 178 5.74 -13.65 20.86
CA HIS B 178 6.26 -13.78 19.52
C HIS B 178 6.17 -15.25 19.10
N PRO B 179 5.86 -15.51 17.82
CA PRO B 179 5.58 -16.88 17.38
C PRO B 179 6.72 -17.85 17.60
N SER B 180 7.90 -17.35 17.96
CA SER B 180 9.07 -18.23 18.08
C SER B 180 9.08 -18.97 19.40
N VAL B 181 8.36 -18.44 20.38
CA VAL B 181 8.34 -19.04 21.71
C VAL B 181 6.93 -19.19 22.29
N THR B 182 6.70 -20.37 22.84
CA THR B 182 5.41 -20.74 23.43
C THR B 182 5.00 -19.84 24.59
N SER B 183 5.90 -19.72 25.58
CA SER B 183 5.64 -18.88 26.76
C SER B 183 6.18 -17.45 26.57
N PRO B 184 5.31 -16.44 26.77
CA PRO B 184 5.72 -15.03 26.87
C PRO B 184 7.02 -14.83 27.66
N LEU B 185 7.96 -14.09 27.07
CA LEU B 185 9.17 -13.70 27.78
C LEU B 185 8.85 -12.52 28.70
N THR B 186 9.47 -12.49 29.87
CA THR B 186 9.20 -11.44 30.82
C THR B 186 10.51 -10.98 31.40
N VAL B 187 10.60 -9.70 31.74
CA VAL B 187 11.79 -9.18 32.40
C VAL B 187 11.34 -8.20 33.47
N GLU B 188 11.89 -8.32 34.68
CA GLU B 188 11.47 -7.50 35.80
C GLU B 188 12.42 -6.34 36.05
N TRP B 189 11.89 -5.25 36.58
CA TRP B 189 12.73 -4.11 36.90
C TRP B 189 12.12 -3.23 37.99
N ARG B 190 12.78 -3.20 39.15
CA ARG B 190 12.39 -2.33 40.25
C ARG B 190 13.45 -1.27 40.40
N ALA B 191 13.06 -0.11 40.95
CA ALA B 191 14.04 0.95 41.20
C ALA B 191 14.67 0.73 42.58
N ARG B 192 15.72 1.51 42.88
CA ARG B 192 16.38 1.42 44.18
C ARG B 192 16.16 2.72 44.96
N SER B 193 16.36 2.64 46.28
CA SER B 193 16.14 3.81 47.14
C SER B 193 17.28 4.81 47.03
N LYS C 1 11.68 -3.30 -30.80
CA LYS C 1 11.37 -2.43 -29.66
C LYS C 1 11.61 -3.15 -28.33
N MET C 2 10.89 -2.73 -27.30
CA MET C 2 11.15 -3.24 -25.99
C MET C 2 10.84 -4.72 -25.87
N ARG C 3 11.67 -5.43 -25.11
CA ARG C 3 11.59 -6.86 -25.01
C ARG C 3 11.25 -7.21 -23.57
N MET C 4 10.69 -8.40 -23.35
CA MET C 4 10.29 -8.79 -22.02
C MET C 4 11.37 -9.63 -21.35
N ALA C 5 11.83 -9.20 -20.17
CA ALA C 5 12.77 -10.02 -19.43
C ALA C 5 12.01 -11.17 -18.82
N THR C 6 12.75 -12.16 -18.35
CA THR C 6 12.18 -13.45 -17.99
C THR C 6 12.05 -13.60 -16.47
N PRO C 7 10.89 -14.06 -15.99
CA PRO C 7 10.77 -14.43 -14.57
C PRO C 7 11.68 -15.61 -14.32
N LEU C 8 12.58 -15.51 -13.34
CA LEU C 8 13.60 -16.55 -13.16
C LEU C 8 13.31 -17.44 -11.95
N LEU C 9 13.89 -18.63 -11.96
CA LEU C 9 13.54 -19.63 -10.98
C LEU C 9 14.69 -20.02 -10.09
N MET C 10 14.45 -20.01 -8.77
CA MET C 10 15.30 -20.70 -7.83
C MET C 10 15.01 -22.19 -7.92
N GLN C 11 15.92 -23.02 -7.44
CA GLN C 11 15.72 -24.45 -7.52
C GLN C 11 16.06 -25.12 -6.20
N ALA C 12 15.36 -26.20 -5.89
CA ALA C 12 15.64 -26.93 -4.66
C ALA C 12 16.92 -27.75 -4.80
N LEU C 13 17.78 -27.66 -3.79
CA LEU C 13 18.95 -28.52 -3.72
C LEU C 13 18.60 -29.93 -3.22
N PRO C 14 19.10 -30.95 -3.92
CA PRO C 14 18.95 -32.36 -3.52
C PRO C 14 19.38 -32.57 -2.08
N MET C 15 18.41 -32.70 -1.16
CA MET C 15 18.72 -32.94 0.25
C MET C 15 18.29 -34.34 0.68
N GLU D 5 -8.78 -8.82 7.16
CA GLU D 5 -8.52 -7.39 7.34
C GLU D 5 -9.73 -6.54 6.93
N HIS D 6 -9.99 -5.49 7.71
CA HIS D 6 -11.02 -4.53 7.38
C HIS D 6 -10.51 -3.13 7.70
N VAL D 7 -10.96 -2.14 6.96
CA VAL D 7 -10.58 -0.78 7.27
C VAL D 7 -11.81 0.07 7.32
N ILE D 8 -11.92 0.89 8.35
CA ILE D 8 -13.00 1.83 8.50
C ILE D 8 -12.38 3.21 8.61
N ILE D 9 -12.72 4.11 7.70
CA ILE D 9 -12.08 5.42 7.66
C ILE D 9 -13.06 6.55 7.87
N GLN D 10 -12.81 7.39 8.87
CA GLN D 10 -13.52 8.66 8.99
C GLN D 10 -12.72 9.65 8.13
N ALA D 11 -13.32 10.08 7.02
CA ALA D 11 -12.65 10.95 6.06
C ALA D 11 -13.35 12.30 6.00
N GLU D 12 -12.61 13.36 6.27
CA GLU D 12 -13.15 14.72 6.17
C GLU D 12 -12.30 15.52 5.18
N PHE D 13 -12.84 16.64 4.71
CA PHE D 13 -12.00 17.59 3.98
C PHE D 13 -12.60 18.99 3.96
N TYR D 14 -11.73 19.99 3.81
CA TYR D 14 -12.17 21.35 3.52
C TYR D 14 -11.47 21.92 2.29
N LEU D 15 -12.20 22.73 1.52
CA LEU D 15 -11.68 23.30 0.28
C LEU D 15 -11.90 24.80 0.16
N ASN D 16 -10.83 25.51 -0.19
CA ASN D 16 -10.90 26.94 -0.41
C ASN D 16 -10.46 27.34 -1.83
N PRO D 17 -11.00 28.47 -2.34
CA PRO D 17 -11.91 29.41 -1.69
C PRO D 17 -13.37 28.98 -1.73
N ASP D 18 -13.63 27.74 -2.15
CA ASP D 18 -14.99 27.25 -2.35
C ASP D 18 -15.79 27.15 -1.05
N GLN D 19 -15.09 27.02 0.08
CA GLN D 19 -15.75 26.94 1.37
C GLN D 19 -16.70 25.74 1.41
N SER D 20 -16.20 24.60 1.01
CA SER D 20 -17.01 23.40 1.01
C SER D 20 -16.38 22.27 1.84
N GLY D 21 -17.23 21.59 2.60
CA GLY D 21 -16.76 20.51 3.44
C GLY D 21 -17.37 19.16 3.13
N GLU D 22 -16.64 18.12 3.48
CA GLU D 22 -17.17 16.77 3.44
C GLU D 22 -16.82 15.97 4.69
N PHE D 23 -17.76 15.15 5.12
CA PHE D 23 -17.55 14.26 6.23
C PHE D 23 -18.26 12.97 5.90
N MET D 24 -17.49 11.90 5.74
CA MET D 24 -18.06 10.59 5.46
C MET D 24 -17.26 9.46 6.13
N PHE D 25 -17.89 8.30 6.24
CA PHE D 25 -17.26 7.11 6.78
C PHE D 25 -17.20 6.08 5.67
N ASP D 26 -16.08 5.38 5.60
CA ASP D 26 -15.80 4.46 4.53
C ASP D 26 -15.52 3.11 5.17
N PHE D 27 -16.10 2.06 4.61
CA PHE D 27 -15.77 0.71 5.04
C PHE D 27 -15.27 -0.06 3.82
N ASP D 28 -14.03 -0.57 3.90
CA ASP D 28 -13.39 -1.30 2.80
C ASP D 28 -13.66 -0.63 1.43
N GLY D 29 -13.61 0.69 1.38
CA GLY D 29 -13.83 1.40 0.13
C GLY D 29 -15.25 1.86 -0.21
N ASP D 30 -16.24 1.45 0.58
CA ASP D 30 -17.63 1.86 0.37
C ASP D 30 -18.12 2.84 1.43
N GLU D 31 -18.94 3.79 1.00
CA GLU D 31 -19.47 4.77 1.92
C GLU D 31 -20.57 4.20 2.83
N ILE D 32 -20.41 4.41 4.13
CA ILE D 32 -21.45 4.06 5.10
C ILE D 32 -22.49 5.17 5.21
N PHE D 33 -22.02 6.40 5.40
CA PHE D 33 -22.86 7.58 5.49
C PHE D 33 -22.00 8.80 5.24
N HIS D 34 -22.64 9.95 5.02
CA HIS D 34 -21.95 11.23 5.08
C HIS D 34 -22.88 12.22 5.74
N VAL D 35 -22.37 13.36 6.12
CA VAL D 35 -23.21 14.41 6.66
C VAL D 35 -23.26 15.52 5.61
N ASP D 36 -24.48 15.86 5.17
CA ASP D 36 -24.67 16.97 4.28
C ASP D 36 -24.40 18.27 5.03
N MET D 37 -23.43 19.06 4.52
CA MET D 37 -23.06 20.29 5.21
C MET D 37 -24.18 21.33 5.16
N ALA D 38 -24.83 21.40 3.99
CA ALA D 38 -25.91 22.36 3.77
C ALA D 38 -27.17 21.98 4.55
N LYS D 39 -27.62 20.74 4.37
CA LYS D 39 -28.81 20.27 5.06
C LYS D 39 -28.53 19.99 6.53
N LYS D 40 -27.25 19.96 6.90
CA LYS D 40 -26.88 19.70 8.29
C LYS D 40 -27.44 18.41 8.88
N GLU D 41 -27.35 17.32 8.12
CA GLU D 41 -27.83 16.02 8.62
C GLU D 41 -27.12 14.77 8.08
N THR D 42 -27.29 13.68 8.80
CA THR D 42 -26.72 12.39 8.46
C THR D 42 -27.51 11.72 7.36
N VAL D 43 -26.79 11.27 6.32
CA VAL D 43 -27.36 10.61 5.15
C VAL D 43 -26.73 9.24 4.96
N TRP D 44 -27.54 8.20 5.05
CA TRP D 44 -27.07 6.82 5.00
C TRP D 44 -26.98 6.37 3.57
N ARG D 45 -25.97 5.57 3.28
CA ARG D 45 -25.75 5.11 1.90
C ARG D 45 -26.80 4.11 1.44
N LEU D 46 -27.13 3.17 2.32
CA LEU D 46 -28.18 2.22 2.02
C LEU D 46 -29.32 2.35 3.02
N GLU D 47 -30.47 1.80 2.68
CA GLU D 47 -31.63 1.79 3.56
C GLU D 47 -31.39 0.99 4.86
N GLU D 48 -30.62 -0.09 4.79
CA GLU D 48 -30.45 -0.95 5.95
C GLU D 48 -29.65 -0.27 7.06
N PHE D 49 -28.62 0.47 6.68
CA PHE D 49 -27.72 1.08 7.66
C PHE D 49 -28.45 1.88 8.75
N GLY D 50 -29.44 2.68 8.35
CA GLY D 50 -30.11 3.58 9.27
C GLY D 50 -31.13 2.88 10.16
N ARG D 51 -31.45 1.63 9.82
CA ARG D 51 -32.24 0.80 10.71
C ARG D 51 -31.41 0.25 11.87
N PHE D 52 -30.10 0.23 11.73
CA PHE D 52 -29.24 -0.34 12.76
C PHE D 52 -28.39 0.69 13.49
N ALA D 53 -28.07 1.79 12.83
CA ALA D 53 -27.13 2.71 13.43
C ALA D 53 -27.56 4.16 13.31
N SER D 54 -26.98 4.98 14.18
CA SER D 54 -27.24 6.41 14.16
C SER D 54 -25.91 7.11 14.17
N PHE D 55 -25.93 8.38 13.78
CA PHE D 55 -24.79 9.25 13.96
C PHE D 55 -25.27 10.68 14.09
N GLU D 56 -24.73 11.39 15.08
CA GLU D 56 -25.16 12.76 15.35
C GLU D 56 -24.36 13.78 14.54
N ALA D 57 -25.01 14.38 13.55
CA ALA D 57 -24.35 15.27 12.59
C ALA D 57 -23.65 16.46 13.22
N GLN D 58 -24.14 16.92 14.36
CA GLN D 58 -23.55 18.11 14.95
C GLN D 58 -22.03 17.99 15.14
N GLY D 59 -21.57 16.79 15.49
CA GLY D 59 -20.16 16.55 15.73
C GLY D 59 -19.28 16.68 14.50
N ALA D 60 -19.79 16.19 13.37
CA ALA D 60 -19.16 16.37 12.07
C ALA D 60 -19.06 17.85 11.71
N LEU D 61 -20.14 18.59 11.93
CA LEU D 61 -20.09 20.03 11.64
C LEU D 61 -18.93 20.69 12.38
N ALA D 62 -18.81 20.37 13.67
CA ALA D 62 -17.74 20.90 14.49
C ALA D 62 -16.39 20.51 13.92
N ASN D 63 -16.26 19.25 13.50
CA ASN D 63 -15.02 18.83 12.90
C ASN D 63 -14.68 19.70 11.69
N ILE D 64 -15.65 19.83 10.77
CA ILE D 64 -15.45 20.59 9.55
C ILE D 64 -14.90 21.98 9.86
N ALA D 65 -15.48 22.66 10.85
CA ALA D 65 -15.01 23.98 11.22
C ALA D 65 -13.52 23.96 11.59
N VAL D 66 -13.16 23.03 12.49
CA VAL D 66 -11.77 22.79 12.87
C VAL D 66 -10.88 22.52 11.65
N ASP D 67 -11.41 21.81 10.67
CA ASP D 67 -10.67 21.57 9.44
C ASP D 67 -10.45 22.85 8.60
N LYS D 68 -11.45 23.72 8.59
CA LYS D 68 -11.37 24.99 7.88
C LYS D 68 -10.26 25.82 8.49
N ALA D 69 -10.36 26.03 9.80
CA ALA D 69 -9.40 26.83 10.53
C ALA D 69 -7.98 26.32 10.31
N ASN D 70 -7.82 25.01 10.38
CA ASN D 70 -6.50 24.41 10.29
C ASN D 70 -6.01 24.52 8.86
N LEU D 71 -6.95 24.57 7.92
CA LEU D 71 -6.58 24.74 6.52
C LEU D 71 -5.90 26.08 6.31
N GLU D 72 -6.58 27.13 6.75
CA GLU D 72 -6.11 28.48 6.51
C GLU D 72 -4.75 28.72 7.16
N ILE D 73 -4.48 28.00 8.25
CA ILE D 73 -3.17 28.01 8.91
C ILE D 73 -2.03 27.41 8.06
N MET D 74 -2.25 26.21 7.50
CA MET D 74 -1.24 25.53 6.68
C MET D 74 -1.03 26.23 5.35
N THR D 75 -2.11 26.73 4.78
CA THR D 75 -2.02 27.46 3.53
C THR D 75 -0.88 28.47 3.68
N LYS D 76 -1.11 29.42 4.57
CA LYS D 76 -0.14 30.45 4.93
C LYS D 76 1.23 29.88 5.31
N ARG D 77 1.23 28.80 6.08
CA ARG D 77 2.49 28.18 6.44
C ARG D 77 3.34 27.89 5.22
N SER D 78 2.78 27.13 4.27
CA SER D 78 3.46 26.85 3.02
C SER D 78 3.35 28.02 2.03
N ASN D 79 3.17 29.22 2.59
CA ASN D 79 3.19 30.45 1.81
C ASN D 79 2.36 30.35 0.53
N TYR D 80 1.19 29.72 0.65
CA TYR D 80 0.17 29.71 -0.40
C TYR D 80 0.50 28.85 -1.61
N THR D 81 1.18 27.73 -1.37
CA THR D 81 1.45 26.76 -2.43
C THR D 81 0.18 26.02 -2.83
N PRO D 82 -0.53 26.51 -3.85
CA PRO D 82 -1.81 25.89 -4.23
C PRO D 82 -1.66 24.46 -4.73
N ILE D 83 -2.79 23.77 -4.85
CA ILE D 83 -2.78 22.37 -5.24
C ILE D 83 -2.72 22.17 -6.76
N THR D 84 -1.92 21.17 -7.16
CA THR D 84 -1.77 20.74 -8.54
C THR D 84 -2.96 19.89 -8.98
N ASN D 85 -3.75 20.41 -9.92
CA ASN D 85 -4.91 19.68 -10.44
C ASN D 85 -4.49 18.34 -11.03
N VAL D 86 -5.28 17.30 -10.77
CA VAL D 86 -5.03 15.99 -11.36
C VAL D 86 -6.26 15.51 -12.09
N PRO D 87 -6.13 15.34 -13.41
CA PRO D 87 -7.27 15.03 -14.28
C PRO D 87 -7.83 13.65 -13.95
N PRO D 88 -9.16 13.55 -13.91
CA PRO D 88 -9.90 12.30 -13.67
C PRO D 88 -9.70 11.28 -14.77
N GLU D 89 -9.40 10.03 -14.40
CA GLU D 89 -9.66 8.90 -15.29
C GLU D 89 -11.16 8.66 -15.22
N VAL D 90 -11.79 8.42 -16.36
CA VAL D 90 -13.22 8.23 -16.39
C VAL D 90 -13.64 7.03 -17.19
N THR D 91 -14.56 6.25 -16.63
CA THR D 91 -15.04 5.10 -17.34
C THR D 91 -16.54 4.99 -17.17
N VAL D 92 -17.19 4.32 -18.12
CA VAL D 92 -18.64 4.20 -18.14
C VAL D 92 -18.98 2.75 -18.40
N LEU D 93 -19.71 2.13 -17.49
CA LEU D 93 -20.10 0.75 -17.66
C LEU D 93 -21.55 0.63 -17.26
N THR D 94 -22.15 -0.52 -17.60
CA THR D 94 -23.46 -0.81 -17.05
C THR D 94 -23.34 -1.55 -15.74
N ASN D 95 -24.34 -1.32 -14.89
CA ASN D 95 -24.60 -2.09 -13.69
C ASN D 95 -24.55 -3.60 -13.94
N SER D 96 -25.07 -4.03 -15.09
CA SER D 96 -25.14 -5.45 -15.37
C SER D 96 -25.18 -5.64 -16.89
N PRO D 97 -25.09 -6.89 -17.37
CA PRO D 97 -25.07 -7.09 -18.81
C PRO D 97 -26.39 -6.65 -19.43
N VAL D 98 -26.31 -5.89 -20.51
CA VAL D 98 -27.46 -5.30 -21.18
C VAL D 98 -28.23 -6.28 -22.07
N GLU D 99 -29.57 -6.20 -22.01
CA GLU D 99 -30.45 -6.85 -22.96
C GLU D 99 -31.41 -5.76 -23.43
N LEU D 100 -31.76 -5.76 -24.72
CA LEU D 100 -32.67 -4.76 -25.25
C LEU D 100 -33.98 -4.79 -24.48
N ARG D 101 -34.54 -3.60 -24.22
CA ARG D 101 -35.83 -3.45 -23.53
C ARG D 101 -35.86 -3.92 -22.06
N GLU D 102 -34.69 -4.13 -21.47
CA GLU D 102 -34.57 -4.63 -20.11
C GLU D 102 -33.92 -3.55 -19.24
N PRO D 103 -34.65 -3.07 -18.24
CA PRO D 103 -34.06 -1.95 -17.48
C PRO D 103 -32.69 -2.27 -16.87
N ASN D 104 -31.86 -1.24 -16.80
CA ASN D 104 -30.46 -1.34 -16.40
C ASN D 104 -30.01 0.03 -15.89
N VAL D 105 -28.78 0.13 -15.43
CA VAL D 105 -28.26 1.41 -14.96
C VAL D 105 -26.88 1.72 -15.55
N LEU D 106 -26.69 2.95 -16.03
CA LEU D 106 -25.36 3.36 -16.45
C LEU D 106 -24.59 3.91 -15.26
N ILE D 107 -23.32 3.54 -15.18
CA ILE D 107 -22.46 4.00 -14.10
C ILE D 107 -21.29 4.78 -14.65
N CYS D 108 -21.24 6.07 -14.33
CA CYS D 108 -20.07 6.87 -14.64
C CYS D 108 -19.10 6.91 -13.43
N PHE D 109 -17.98 6.19 -13.55
CA PHE D 109 -16.93 6.20 -12.53
C PHE D 109 -15.85 7.26 -12.80
N ILE D 110 -15.74 8.24 -11.92
CA ILE D 110 -14.72 9.29 -12.01
C ILE D 110 -13.61 9.04 -10.98
N ASP D 111 -12.36 8.87 -11.43
CA ASP D 111 -11.32 8.30 -10.58
C ASP D 111 -9.98 9.08 -10.53
N LYS D 112 -9.26 8.94 -9.43
CA LYS D 112 -7.92 9.51 -9.28
C LYS D 112 -7.83 10.99 -9.66
N PHE D 113 -8.60 11.86 -9.01
CA PHE D 113 -8.54 13.29 -9.32
C PHE D 113 -8.49 14.14 -8.06
N THR D 114 -8.28 15.44 -8.23
CA THR D 114 -8.20 16.38 -7.13
C THR D 114 -7.85 17.77 -7.68
N PRO D 115 -8.47 18.83 -7.12
CA PRO D 115 -9.38 18.88 -5.98
C PRO D 115 -10.70 18.13 -6.17
N PRO D 116 -11.57 18.15 -5.15
CA PRO D 116 -12.86 17.45 -5.15
C PRO D 116 -13.95 18.40 -5.59
N VAL D 117 -13.86 18.81 -6.85
CA VAL D 117 -14.91 19.58 -7.51
C VAL D 117 -15.08 19.02 -8.91
N VAL D 118 -16.33 18.74 -9.30
CA VAL D 118 -16.60 18.27 -10.66
C VAL D 118 -18.00 18.65 -11.15
N ASN D 119 -18.13 18.84 -12.46
CA ASN D 119 -19.44 18.93 -13.08
C ASN D 119 -19.67 17.71 -13.97
N VAL D 120 -20.73 16.96 -13.66
CA VAL D 120 -21.02 15.75 -14.39
C VAL D 120 -22.40 15.89 -14.99
N THR D 121 -22.52 15.53 -16.27
CA THR D 121 -23.79 15.63 -16.98
C THR D 121 -24.02 14.36 -17.78
N TRP D 122 -25.25 13.88 -17.80
CA TRP D 122 -25.60 12.76 -18.67
C TRP D 122 -26.23 13.28 -19.97
N LEU D 123 -26.06 12.50 -21.04
CA LEU D 123 -26.59 12.87 -22.35
C LEU D 123 -27.21 11.68 -23.06
N ARG D 124 -28.51 11.76 -23.32
CA ARG D 124 -29.14 10.82 -24.24
C ARG D 124 -29.22 11.49 -25.61
N ASN D 125 -28.49 10.95 -26.58
CA ASN D 125 -28.48 11.52 -27.91
C ASN D 125 -28.18 13.01 -27.87
N GLY D 126 -27.02 13.36 -27.31
CA GLY D 126 -26.57 14.74 -27.22
C GLY D 126 -27.37 15.64 -26.29
N LYS D 127 -28.56 15.20 -25.88
CA LYS D 127 -29.43 16.01 -25.03
C LYS D 127 -29.29 15.63 -23.55
N PRO D 128 -29.09 16.65 -22.69
CA PRO D 128 -28.93 16.46 -21.24
C PRO D 128 -30.11 15.75 -20.59
N VAL D 129 -29.83 14.80 -19.69
CA VAL D 129 -30.86 14.06 -18.96
C VAL D 129 -30.77 14.32 -17.45
N THR D 130 -31.92 14.40 -16.80
CA THR D 130 -31.97 14.54 -15.34
C THR D 130 -33.17 13.81 -14.74
N THR D 131 -33.13 12.48 -14.83
CA THR D 131 -34.29 11.66 -14.47
C THR D 131 -33.88 10.35 -13.81
N GLY D 132 -33.98 10.31 -12.48
CA GLY D 132 -33.60 9.13 -11.75
C GLY D 132 -32.10 9.09 -11.55
N VAL D 133 -31.40 10.13 -12.02
CA VAL D 133 -29.96 10.20 -11.85
C VAL D 133 -29.60 10.48 -10.38
N SER D 134 -28.53 9.87 -9.93
CA SER D 134 -28.14 9.92 -8.53
C SER D 134 -26.63 9.98 -8.47
N GLU D 135 -26.08 10.25 -7.29
CA GLU D 135 -24.64 10.31 -7.20
C GLU D 135 -24.13 10.12 -5.78
N THR D 136 -22.87 9.75 -5.68
CA THR D 136 -22.22 9.65 -4.39
C THR D 136 -21.58 11.00 -4.11
N VAL D 137 -21.02 11.17 -2.93
CA VAL D 137 -20.12 12.28 -2.69
C VAL D 137 -18.72 11.85 -3.13
N PHE D 138 -17.70 12.61 -2.74
CA PHE D 138 -16.33 12.25 -3.07
C PHE D 138 -15.77 11.18 -2.11
N LEU D 139 -15.08 10.19 -2.66
CA LEU D 139 -14.56 9.10 -1.85
C LEU D 139 -13.05 9.13 -1.76
N PRO D 140 -12.52 8.79 -0.58
CA PRO D 140 -11.08 8.82 -0.32
C PRO D 140 -10.30 7.75 -1.09
N ARG D 141 -9.08 8.10 -1.48
CA ARG D 141 -8.13 7.14 -2.06
C ARG D 141 -6.84 7.15 -1.25
N GLU D 142 -6.17 5.99 -1.16
CA GLU D 142 -4.90 5.87 -0.44
C GLU D 142 -3.97 7.04 -0.80
N ASP D 143 -3.84 7.29 -2.10
CA ASP D 143 -2.97 8.33 -2.60
C ASP D 143 -3.55 9.74 -2.44
N HIS D 144 -4.70 9.82 -1.77
CA HIS D 144 -5.32 11.11 -1.42
C HIS D 144 -5.96 11.85 -2.59
N LEU D 145 -6.07 11.18 -3.72
CA LEU D 145 -6.94 11.67 -4.77
C LEU D 145 -8.35 11.20 -4.38
N PHE D 146 -9.33 11.42 -5.25
CA PHE D 146 -10.72 11.12 -4.95
C PHE D 146 -11.38 10.25 -5.99
N ARG D 147 -12.57 9.73 -5.68
CA ARG D 147 -13.39 9.02 -6.66
C ARG D 147 -14.85 9.28 -6.38
N LYS D 148 -15.67 9.19 -7.43
CA LYS D 148 -17.08 9.56 -7.37
C LYS D 148 -17.83 8.68 -8.34
N PHE D 149 -19.14 8.52 -8.12
CA PHE D 149 -20.00 7.73 -9.00
C PHE D 149 -21.29 8.48 -9.33
N HIS D 150 -21.70 8.44 -10.60
CA HIS D 150 -23.03 8.91 -10.98
C HIS D 150 -23.81 7.79 -11.64
N TYR D 151 -25.13 7.93 -11.69
CA TYR D 151 -25.96 6.82 -12.08
C TYR D 151 -27.09 7.28 -12.96
N LEU D 152 -27.42 6.44 -13.94
CA LEU D 152 -28.52 6.70 -14.84
C LEU D 152 -29.29 5.41 -15.11
N PRO D 153 -30.49 5.30 -14.53
CA PRO D 153 -31.40 4.22 -14.96
C PRO D 153 -31.69 4.43 -16.42
N PHE D 154 -31.98 3.36 -17.15
CA PHE D 154 -32.28 3.53 -18.56
C PHE D 154 -32.86 2.30 -19.17
N LEU D 155 -33.48 2.48 -20.33
CA LEU D 155 -34.04 1.38 -21.11
C LEU D 155 -33.19 1.14 -22.36
N PRO D 156 -32.44 0.04 -22.38
CA PRO D 156 -31.51 -0.22 -23.49
C PRO D 156 -32.23 -0.34 -24.82
N SER D 157 -31.94 0.56 -25.75
CA SER D 157 -32.44 0.43 -27.11
C SER D 157 -31.28 0.48 -28.10
N THR D 158 -31.52 -0.06 -29.30
CA THR D 158 -30.59 0.10 -30.42
C THR D 158 -30.61 1.55 -30.87
N GLU D 159 -31.78 2.17 -30.73
CA GLU D 159 -31.99 3.55 -31.17
C GLU D 159 -31.12 4.60 -30.43
N ASP D 160 -30.77 4.35 -29.17
CA ASP D 160 -30.21 5.40 -28.33
C ASP D 160 -28.70 5.34 -28.05
N VAL D 161 -28.14 6.52 -27.84
CA VAL D 161 -26.71 6.70 -27.63
C VAL D 161 -26.47 7.58 -26.38
N TYR D 162 -25.47 7.22 -25.57
CA TYR D 162 -25.26 7.89 -24.27
C TYR D 162 -23.84 8.43 -24.05
N ASP D 163 -23.77 9.53 -23.31
CA ASP D 163 -22.49 10.15 -22.97
C ASP D 163 -22.42 10.64 -21.51
N CYS D 164 -21.27 10.45 -20.89
CA CYS D 164 -21.00 11.06 -19.59
C CYS D 164 -20.02 12.22 -19.73
N ARG D 165 -20.45 13.44 -19.45
CA ARG D 165 -19.56 14.58 -19.60
C ARG D 165 -19.00 15.06 -18.27
N VAL D 166 -17.68 15.01 -18.12
CA VAL D 166 -17.01 15.39 -16.88
C VAL D 166 -16.19 16.67 -17.00
N GLU D 167 -16.38 17.59 -16.05
CA GLU D 167 -15.62 18.83 -16.03
C GLU D 167 -14.65 18.92 -14.84
N HIS D 168 -13.36 18.88 -15.12
CA HIS D 168 -12.37 19.11 -14.06
C HIS D 168 -11.29 20.10 -14.51
N TRP D 169 -11.06 21.11 -13.68
CA TRP D 169 -10.07 22.14 -13.97
C TRP D 169 -8.76 21.62 -14.56
N GLY D 170 -8.36 20.40 -14.19
CA GLY D 170 -7.12 19.83 -14.66
C GLY D 170 -7.22 19.29 -16.07
N LEU D 171 -8.43 19.40 -16.63
CA LEU D 171 -8.66 19.00 -18.01
C LEU D 171 -8.68 20.23 -18.92
N ASP D 172 -7.94 20.14 -20.03
CA ASP D 172 -7.94 21.21 -21.04
C ASP D 172 -9.36 21.41 -21.57
N GLU D 173 -10.03 20.31 -21.89
CA GLU D 173 -11.39 20.34 -22.42
C GLU D 173 -12.30 19.26 -21.82
N PRO D 174 -13.62 19.58 -21.69
CA PRO D 174 -14.67 18.71 -21.16
C PRO D 174 -14.54 17.28 -21.66
N LEU D 175 -14.51 16.32 -20.73
CA LEU D 175 -14.25 14.92 -21.03
C LEU D 175 -15.55 14.18 -21.29
N LEU D 176 -15.60 13.38 -22.35
CA LEU D 176 -16.83 12.68 -22.74
C LEU D 176 -16.62 11.20 -22.95
N LYS D 177 -17.08 10.40 -22.00
CA LYS D 177 -17.06 8.95 -22.21
C LYS D 177 -18.37 8.51 -22.83
N HIS D 178 -18.24 7.72 -23.89
CA HIS D 178 -19.38 7.36 -24.70
C HIS D 178 -19.81 5.93 -24.37
N TRP D 179 -21.10 5.67 -24.55
CA TRP D 179 -21.63 4.32 -24.45
C TRP D 179 -22.77 4.15 -25.44
N GLU D 180 -22.89 2.96 -26.02
CA GLU D 180 -24.04 2.61 -26.86
C GLU D 180 -24.25 1.09 -26.92
N PHE D 181 -25.48 0.66 -27.23
CA PHE D 181 -25.73 -0.77 -27.33
C PHE D 181 -24.98 -1.31 -28.53
N ASP D 182 -24.30 -2.43 -28.34
CA ASP D 182 -23.51 -3.02 -29.43
C ASP D 182 -24.38 -3.77 -30.46
N ASP E 3 -13.43 28.42 -13.56
CA ASP E 3 -12.68 29.10 -12.50
C ASP E 3 -11.20 28.81 -12.64
N THR E 4 -10.37 29.79 -12.30
CA THR E 4 -8.92 29.59 -12.32
C THR E 4 -8.24 29.96 -10.99
N ARG E 5 -9.00 30.53 -10.08
CA ARG E 5 -8.49 30.78 -8.73
C ARG E 5 -7.76 29.53 -8.19
N PRO E 6 -6.67 29.76 -7.44
CA PRO E 6 -5.86 28.69 -6.85
C PRO E 6 -6.59 27.96 -5.72
N ARG E 7 -6.39 26.66 -5.62
CA ARG E 7 -7.11 25.84 -4.64
C ARG E 7 -6.21 25.35 -3.49
N PHE E 8 -6.80 25.26 -2.30
CA PHE E 8 -6.12 24.70 -1.13
C PHE E 8 -6.97 23.66 -0.41
N LEU E 9 -6.45 22.45 -0.35
CA LEU E 9 -7.15 21.30 0.23
C LEU E 9 -6.56 20.85 1.57
N TRP E 10 -7.44 20.62 2.55
CA TRP E 10 -7.03 20.03 3.83
C TRP E 10 -7.82 18.75 4.09
N GLN E 11 -7.12 17.62 4.14
CA GLN E 11 -7.77 16.36 4.43
C GLN E 11 -7.34 15.82 5.78
N LEU E 12 -8.30 15.21 6.47
CA LEU E 12 -8.09 14.56 7.77
C LEU E 12 -8.70 13.16 7.68
N LYS E 13 -7.89 12.14 7.89
CA LYS E 13 -8.39 10.77 7.84
C LYS E 13 -8.08 10.00 9.12
N PHE E 14 -9.10 9.37 9.72
CA PHE E 14 -8.87 8.41 10.79
C PHE E 14 -9.08 7.00 10.25
N GLU E 15 -7.98 6.26 10.06
CA GLU E 15 -8.08 4.88 9.63
C GLU E 15 -8.03 3.87 10.80
N CYS E 16 -9.06 3.04 10.91
CA CYS E 16 -9.01 1.95 11.88
C CYS E 16 -8.81 0.66 11.12
N HIS E 17 -7.72 -0.05 11.45
CA HIS E 17 -7.35 -1.30 10.79
C HIS E 17 -7.62 -2.53 11.68
N PHE E 18 -8.25 -3.54 11.12
CA PHE E 18 -8.66 -4.69 11.91
C PHE E 18 -8.17 -6.02 11.37
N PHE E 19 -7.50 -6.81 12.21
CA PHE E 19 -7.08 -8.17 11.86
C PHE E 19 -7.57 -9.14 12.92
N ASN E 20 -8.01 -10.32 12.48
CA ASN E 20 -8.53 -11.37 13.38
C ASN E 20 -9.72 -10.87 14.17
N GLY E 21 -10.77 -10.41 13.47
CA GLY E 21 -11.88 -9.76 14.13
C GLY E 21 -11.40 -8.44 14.72
N THR E 22 -11.40 -8.35 16.04
CA THR E 22 -10.81 -7.19 16.69
C THR E 22 -9.68 -7.57 17.65
N GLU E 23 -9.04 -8.72 17.39
CA GLU E 23 -7.89 -9.12 18.19
C GLU E 23 -6.78 -8.11 18.02
N ARG E 24 -6.51 -7.71 16.80
CA ARG E 24 -5.48 -6.70 16.60
C ARG E 24 -6.03 -5.50 15.84
N VAL E 25 -5.86 -4.32 16.41
CA VAL E 25 -6.39 -3.10 15.84
C VAL E 25 -5.35 -2.00 15.88
N ARG E 26 -5.17 -1.32 14.74
CA ARG E 26 -4.25 -0.22 14.63
C ARG E 26 -4.99 0.98 14.08
N LEU E 27 -4.68 2.16 14.61
CA LEU E 27 -5.28 3.43 14.16
C LEU E 27 -4.23 4.29 13.49
N LEU E 28 -4.56 4.84 12.31
CA LEU E 28 -3.66 5.73 11.59
C LEU E 28 -4.33 7.05 11.26
N GLU E 29 -4.04 8.07 12.08
CA GLU E 29 -4.57 9.41 11.85
C GLU E 29 -3.61 10.20 10.97
N ARG E 30 -4.14 10.77 9.88
CA ARG E 30 -3.31 11.38 8.86
C ARG E 30 -3.84 12.74 8.44
N CYS E 31 -3.03 13.78 8.57
CA CYS E 31 -3.34 15.10 7.99
C CYS E 31 -2.69 15.32 6.60
N ILE E 32 -3.50 15.63 5.61
CA ILE E 32 -2.97 15.93 4.27
C ILE E 32 -3.21 17.38 3.85
N TYR E 33 -2.13 18.09 3.54
CA TYR E 33 -2.23 19.40 2.90
C TYR E 33 -2.11 19.22 1.38
N ASN E 34 -3.03 19.84 0.65
CA ASN E 34 -3.16 19.56 -0.77
C ASN E 34 -3.09 18.05 -1.02
N GLN E 35 -2.02 17.56 -1.63
CA GLN E 35 -1.87 16.12 -1.80
C GLN E 35 -0.67 15.55 -1.06
N GLU E 36 -0.15 16.28 -0.09
CA GLU E 36 1.02 15.83 0.64
C GLU E 36 0.72 15.60 2.13
N GLU E 37 0.77 14.33 2.54
CA GLU E 37 0.65 13.98 3.94
C GLU E 37 1.71 14.72 4.78
N SER E 38 1.28 15.63 5.65
CA SER E 38 2.21 16.46 6.41
C SER E 38 2.55 15.92 7.82
N VAL E 39 1.53 15.48 8.57
CA VAL E 39 1.72 14.90 9.90
C VAL E 39 0.80 13.70 10.15
N ARG E 40 1.26 12.72 10.94
CA ARG E 40 0.45 11.52 11.22
C ARG E 40 0.62 10.99 12.65
N PHE E 41 -0.47 10.45 13.20
CA PHE E 41 -0.41 9.68 14.44
C PHE E 41 -0.64 8.19 14.11
N ASP E 42 0.33 7.36 14.44
CA ASP E 42 0.20 5.93 14.26
C ASP E 42 0.10 5.31 15.65
N SER E 43 -0.91 4.48 15.89
CA SER E 43 -1.07 3.85 17.19
C SER E 43 0.15 2.98 17.53
N ASP E 44 0.88 2.55 16.50
CA ASP E 44 2.02 1.66 16.70
C ASP E 44 3.21 2.40 17.27
N VAL E 45 3.21 3.71 17.07
CA VAL E 45 4.21 4.57 17.67
C VAL E 45 3.67 5.21 18.94
N GLY E 46 2.48 5.78 18.83
CA GLY E 46 1.83 6.40 19.97
C GLY E 46 2.19 7.85 20.12
N GLU E 47 2.75 8.44 19.07
CA GLU E 47 3.08 9.86 19.05
C GLU E 47 3.01 10.39 17.63
N TYR E 48 2.74 11.69 17.51
CA TYR E 48 2.70 12.31 16.20
C TYR E 48 4.11 12.42 15.62
N ARG E 49 4.22 12.20 14.32
CA ARG E 49 5.47 12.33 13.60
C ARG E 49 5.21 13.08 12.30
N ALA E 50 6.03 14.10 12.02
CA ALA E 50 5.95 14.76 10.72
C ALA E 50 6.45 13.80 9.64
N VAL E 51 5.79 13.80 8.50
CA VAL E 51 6.22 12.98 7.38
C VAL E 51 7.08 13.88 6.50
N THR E 52 6.64 15.13 6.38
CA THR E 52 7.38 16.15 5.68
C THR E 52 7.54 17.34 6.60
N GLU E 53 8.63 18.08 6.40
CA GLU E 53 9.00 19.21 7.25
C GLU E 53 7.85 20.16 7.55
N LEU E 54 6.89 20.23 6.63
CA LEU E 54 5.77 21.15 6.74
C LEU E 54 4.88 20.96 7.99
N GLY E 55 4.78 19.73 8.47
CA GLY E 55 3.94 19.44 9.61
C GLY E 55 4.66 19.34 10.94
N ARG E 56 5.97 19.51 10.94
CA ARG E 56 6.72 19.36 12.17
C ARG E 56 6.24 20.32 13.26
N PRO E 57 5.87 21.55 12.88
CA PRO E 57 5.29 22.46 13.88
C PRO E 57 4.08 21.84 14.60
N ASP E 58 3.35 20.98 13.89
CA ASP E 58 2.14 20.37 14.42
C ASP E 58 2.41 19.10 15.21
N ALA E 59 3.34 18.29 14.73
CA ALA E 59 3.73 17.08 15.44
C ALA E 59 4.27 17.47 16.81
N GLU E 60 5.30 18.30 16.81
CA GLU E 60 5.92 18.73 18.05
C GLU E 60 4.91 19.36 19.01
N TYR E 61 3.94 20.09 18.48
CA TYR E 61 2.96 20.78 19.31
C TYR E 61 1.91 19.85 19.91
N TRP E 62 1.34 18.98 19.08
CA TRP E 62 0.34 18.03 19.54
C TRP E 62 0.91 17.08 20.60
N ASN E 63 2.16 16.68 20.41
CA ASN E 63 2.82 15.78 21.37
C ASN E 63 3.04 16.48 22.71
N SER E 64 2.78 17.79 22.72
CA SER E 64 2.91 18.60 23.92
C SER E 64 1.65 18.48 24.77
N GLN E 65 0.53 18.21 24.12
CA GLN E 65 -0.74 18.03 24.81
C GLN E 65 -0.76 16.66 25.46
N LYS E 66 -0.15 16.57 26.64
CA LYS E 66 -0.04 15.29 27.33
C LYS E 66 -1.40 14.57 27.36
N ASP E 67 -2.47 15.33 27.60
CA ASP E 67 -3.79 14.77 27.83
C ASP E 67 -4.48 14.29 26.55
N LEU E 68 -4.44 15.12 25.52
CA LEU E 68 -5.03 14.78 24.23
C LEU E 68 -4.26 13.62 23.62
N LEU E 69 -3.01 13.49 24.00
CA LEU E 69 -2.17 12.41 23.53
C LEU E 69 -2.61 11.08 24.12
N GLU E 70 -3.11 11.13 25.35
CA GLU E 70 -3.54 9.92 26.02
C GLU E 70 -4.77 9.38 25.32
N GLN E 71 -5.64 10.29 24.92
CA GLN E 71 -6.91 9.87 24.37
C GLN E 71 -6.66 9.09 23.09
N ARG E 72 -5.75 9.60 22.27
CA ARG E 72 -5.38 8.92 21.03
C ARG E 72 -4.81 7.53 21.32
N ARG E 73 -3.97 7.43 22.35
CA ARG E 73 -3.38 6.14 22.67
C ARG E 73 -4.46 5.13 23.01
N ALA E 74 -5.57 5.61 23.55
CA ALA E 74 -6.69 4.73 23.92
C ALA E 74 -7.75 4.63 22.81
N ALA E 75 -7.58 5.43 21.76
CA ALA E 75 -8.55 5.49 20.66
C ALA E 75 -8.89 4.15 19.96
N VAL E 76 -7.91 3.26 19.81
CA VAL E 76 -8.17 1.93 19.23
C VAL E 76 -9.32 1.26 19.97
N ASP E 77 -9.44 1.54 21.28
CA ASP E 77 -10.51 1.00 22.11
C ASP E 77 -11.79 1.84 22.16
N THR E 78 -11.64 3.14 22.32
CA THR E 78 -12.80 4.00 22.57
C THR E 78 -13.48 4.37 21.28
N TYR E 79 -12.77 4.13 20.18
CA TYR E 79 -13.18 4.65 18.89
C TYR E 79 -13.26 3.54 17.84
N CYS E 80 -12.12 2.95 17.49
CA CYS E 80 -12.11 1.87 16.49
C CYS E 80 -13.01 0.71 16.88
N ARG E 81 -12.73 0.08 18.02
CA ARG E 81 -13.50 -1.10 18.42
C ARG E 81 -14.98 -0.76 18.62
N HIS E 82 -15.25 0.43 19.11
CA HIS E 82 -16.61 0.88 19.26
C HIS E 82 -17.36 0.85 17.93
N ASN E 83 -16.81 1.59 16.95
CA ASN E 83 -17.44 1.74 15.65
C ASN E 83 -17.55 0.42 14.89
N TYR E 84 -16.56 -0.44 15.05
CA TYR E 84 -16.59 -1.74 14.40
C TYR E 84 -17.76 -2.53 14.96
N GLY E 85 -17.86 -2.52 16.29
CA GLY E 85 -18.96 -3.17 16.99
C GLY E 85 -20.33 -2.74 16.53
N VAL E 86 -20.48 -1.42 16.28
CA VAL E 86 -21.76 -0.89 15.80
C VAL E 86 -22.09 -1.37 14.40
N GLY E 87 -21.09 -1.43 13.51
CA GLY E 87 -21.36 -1.72 12.11
C GLY E 87 -21.21 -3.16 11.67
N GLU E 88 -20.56 -3.96 12.51
CA GLU E 88 -20.07 -5.26 12.13
C GLU E 88 -21.16 -6.13 11.46
N SER E 89 -22.40 -5.96 11.87
CA SER E 89 -23.43 -6.90 11.50
C SER E 89 -23.95 -6.62 10.09
N PHE E 90 -23.77 -5.40 9.62
CA PHE E 90 -24.18 -5.05 8.26
C PHE E 90 -23.02 -4.60 7.36
N THR E 91 -21.80 -4.86 7.79
CA THR E 91 -20.65 -4.61 6.92
C THR E 91 -19.84 -5.90 6.80
N VAL E 92 -19.12 -6.21 7.86
CA VAL E 92 -18.37 -7.45 7.94
C VAL E 92 -19.26 -8.62 7.53
N GLN E 93 -20.54 -8.59 7.87
CA GLN E 93 -21.41 -9.72 7.58
C GLN E 93 -22.38 -9.42 6.44
N ARG E 94 -22.16 -8.30 5.76
CA ARG E 94 -22.92 -8.07 4.53
C ARG E 94 -22.61 -9.19 3.53
N ARG E 95 -23.65 -9.81 2.99
CA ARG E 95 -23.50 -10.84 1.99
C ARG E 95 -24.51 -10.61 0.87
N VAL E 96 -24.04 -10.26 -0.32
CA VAL E 96 -24.96 -10.19 -1.44
C VAL E 96 -24.50 -11.14 -2.54
N GLU E 97 -25.43 -12.04 -2.86
CA GLU E 97 -25.25 -13.10 -3.81
C GLU E 97 -25.00 -12.55 -5.21
N PRO E 98 -24.01 -13.11 -5.94
CA PRO E 98 -23.74 -12.60 -7.28
C PRO E 98 -24.75 -13.15 -8.26
N LYS E 99 -25.09 -12.32 -9.24
CA LYS E 99 -25.84 -12.74 -10.40
C LYS E 99 -24.82 -13.15 -11.47
N VAL E 100 -24.92 -14.36 -12.00
CA VAL E 100 -23.96 -14.87 -13.00
C VAL E 100 -24.56 -15.13 -14.38
N THR E 101 -23.96 -14.52 -15.40
CA THR E 101 -24.42 -14.68 -16.78
C THR E 101 -23.26 -15.07 -17.73
N VAL E 102 -23.56 -15.82 -18.78
CA VAL E 102 -22.57 -16.12 -19.84
C VAL E 102 -23.09 -15.73 -21.23
N TYR E 103 -22.23 -15.15 -22.05
CA TYR E 103 -22.66 -14.67 -23.36
C TYR E 103 -21.48 -14.28 -24.26
N PRO E 104 -21.62 -14.50 -25.58
CA PRO E 104 -20.53 -14.22 -26.52
C PRO E 104 -20.51 -12.75 -26.90
N SER E 105 -19.32 -12.17 -27.01
CA SER E 105 -19.20 -10.87 -27.64
C SER E 105 -17.95 -10.79 -28.53
N ASN E 114 -15.62 -15.26 -31.15
CA ASN E 114 -14.21 -15.12 -30.75
C ASN E 114 -13.99 -14.91 -29.24
N LEU E 115 -15.01 -14.41 -28.53
CA LEU E 115 -14.89 -14.17 -27.10
C LEU E 115 -16.11 -14.66 -26.32
N LEU E 116 -15.85 -15.41 -25.25
CA LEU E 116 -16.94 -15.86 -24.37
C LEU E 116 -16.89 -15.18 -23.00
N VAL E 117 -17.81 -14.23 -22.79
CA VAL E 117 -17.85 -13.44 -21.56
C VAL E 117 -18.64 -14.11 -20.44
N CYS E 118 -18.03 -14.21 -19.26
CA CYS E 118 -18.78 -14.62 -18.07
C CYS E 118 -18.91 -13.44 -17.13
N SER E 119 -20.12 -12.88 -17.06
CA SER E 119 -20.40 -11.73 -16.20
C SER E 119 -20.75 -12.17 -14.77
N VAL E 120 -20.12 -11.56 -13.77
CA VAL E 120 -20.48 -11.84 -12.38
C VAL E 120 -20.78 -10.52 -11.69
N SER E 121 -22.04 -10.27 -11.38
CA SER E 121 -22.43 -8.94 -10.90
C SER E 121 -23.26 -8.91 -9.63
N GLY E 122 -23.29 -7.74 -8.99
CA GLY E 122 -24.22 -7.43 -7.94
C GLY E 122 -23.86 -7.94 -6.55
N PHE E 123 -22.63 -8.45 -6.42
CA PHE E 123 -22.21 -9.19 -5.23
C PHE E 123 -21.42 -8.41 -4.17
N TYR E 124 -21.58 -8.86 -2.92
CA TYR E 124 -20.82 -8.35 -1.80
C TYR E 124 -20.52 -9.50 -0.84
N PRO E 125 -19.27 -9.59 -0.37
CA PRO E 125 -18.13 -8.69 -0.57
C PRO E 125 -17.29 -9.02 -1.81
N GLY E 126 -16.19 -8.28 -1.96
CA GLY E 126 -15.39 -8.29 -3.19
C GLY E 126 -14.62 -9.54 -3.49
N SER E 127 -14.38 -10.36 -2.47
CA SER E 127 -13.55 -11.55 -2.65
C SER E 127 -14.30 -12.65 -3.41
N ILE E 128 -13.92 -12.85 -4.67
CA ILE E 128 -14.57 -13.84 -5.51
C ILE E 128 -13.57 -14.72 -6.31
N GLU E 129 -13.95 -15.96 -6.59
CA GLU E 129 -13.19 -16.79 -7.49
C GLU E 129 -14.04 -17.09 -8.71
N VAL E 130 -13.52 -16.81 -9.91
CA VAL E 130 -14.23 -17.08 -11.15
C VAL E 130 -13.42 -18.02 -12.08
N ARG E 131 -13.93 -19.22 -12.31
CA ARG E 131 -13.15 -20.21 -13.08
C ARG E 131 -13.86 -20.71 -14.34
N TRP E 132 -13.14 -20.74 -15.45
CA TRP E 132 -13.66 -21.30 -16.71
C TRP E 132 -13.35 -22.80 -16.86
N PHE E 133 -14.38 -23.60 -17.09
CA PHE E 133 -14.23 -25.06 -17.27
C PHE E 133 -14.77 -25.51 -18.61
N ARG E 134 -13.90 -25.98 -19.51
CA ARG E 134 -14.39 -26.54 -20.77
C ARG E 134 -14.57 -28.06 -20.65
N ASN E 135 -15.77 -28.54 -20.97
CA ASN E 135 -16.12 -29.96 -20.86
C ASN E 135 -15.44 -30.73 -19.72
N GLY E 136 -15.50 -30.19 -18.50
CA GLY E 136 -15.10 -30.92 -17.31
C GLY E 136 -13.83 -30.48 -16.61
N GLN E 137 -12.91 -29.89 -17.36
CA GLN E 137 -11.65 -29.45 -16.78
C GLN E 137 -11.44 -27.95 -16.94
N GLU E 138 -10.80 -27.35 -15.94
CA GLU E 138 -10.58 -25.93 -15.90
C GLU E 138 -9.63 -25.46 -16.98
N GLU E 139 -10.09 -24.51 -17.78
CA GLU E 139 -9.23 -23.79 -18.70
C GLU E 139 -8.62 -22.58 -17.99
N LYS E 140 -7.29 -22.54 -17.85
CA LYS E 140 -6.64 -21.39 -17.22
C LYS E 140 -6.00 -20.46 -18.26
N ALA E 141 -5.86 -20.95 -19.48
CA ALA E 141 -5.19 -20.17 -20.51
C ALA E 141 -6.22 -19.58 -21.46
N GLY E 142 -5.93 -18.38 -21.96
CA GLY E 142 -6.86 -17.66 -22.83
C GLY E 142 -7.81 -16.75 -22.07
N VAL E 143 -7.58 -16.64 -20.76
CA VAL E 143 -8.46 -15.91 -19.86
C VAL E 143 -8.01 -14.47 -19.57
N VAL E 144 -8.72 -13.49 -20.10
CA VAL E 144 -8.49 -12.11 -19.69
C VAL E 144 -9.69 -11.55 -18.91
N SER E 145 -9.41 -10.87 -17.80
CA SER E 145 -10.49 -10.36 -16.96
C SER E 145 -10.52 -8.83 -16.89
N THR E 146 -11.48 -8.32 -16.16
CA THR E 146 -11.60 -6.89 -15.98
C THR E 146 -10.98 -6.51 -14.62
N GLY E 147 -10.79 -7.52 -13.77
CA GLY E 147 -10.42 -7.27 -12.39
C GLY E 147 -11.66 -7.05 -11.53
N LEU E 148 -11.47 -6.60 -10.29
CA LEU E 148 -12.60 -6.29 -9.42
C LEU E 148 -13.15 -4.90 -9.69
N ILE E 149 -14.45 -4.79 -9.87
CA ILE E 149 -15.02 -3.47 -10.08
C ILE E 149 -16.00 -3.10 -8.99
N GLN E 150 -15.69 -2.01 -8.27
CA GLN E 150 -16.59 -1.42 -7.28
C GLN E 150 -17.63 -0.56 -7.99
N ASN E 151 -18.91 -0.84 -7.77
CA ASN E 151 -19.97 -0.06 -8.39
C ASN E 151 -20.29 1.22 -7.64
N GLY E 152 -19.84 1.30 -6.39
CA GLY E 152 -20.03 2.46 -5.54
C GLY E 152 -21.25 2.37 -4.65
N ASP E 153 -21.99 1.27 -4.76
CA ASP E 153 -23.24 1.13 -4.04
C ASP E 153 -23.26 -0.18 -3.28
N TRP E 154 -22.11 -0.53 -2.70
CA TRP E 154 -21.96 -1.75 -1.92
C TRP E 154 -22.23 -3.04 -2.69
N THR E 155 -22.08 -2.98 -4.01
CA THR E 155 -21.92 -4.18 -4.82
C THR E 155 -20.67 -4.11 -5.72
N PHE E 156 -20.38 -5.22 -6.36
CA PHE E 156 -19.18 -5.39 -7.13
C PHE E 156 -19.53 -6.09 -8.42
N GLN E 157 -18.58 -6.08 -9.35
CA GLN E 157 -18.72 -6.87 -10.55
C GLN E 157 -17.35 -7.14 -11.19
N THR E 158 -17.32 -8.15 -12.04
CA THR E 158 -16.12 -8.59 -12.72
C THR E 158 -16.56 -9.36 -13.98
N LEU E 159 -15.97 -9.03 -15.12
CA LEU E 159 -16.17 -9.83 -16.34
C LEU E 159 -14.97 -10.71 -16.59
N VAL E 160 -15.18 -12.01 -16.73
CA VAL E 160 -14.10 -12.92 -17.08
C VAL E 160 -14.25 -13.56 -18.47
N MET E 161 -13.67 -12.90 -19.49
CA MET E 161 -13.64 -13.41 -20.86
C MET E 161 -12.75 -14.64 -21.09
N LEU E 162 -13.10 -15.41 -22.11
CA LEU E 162 -12.29 -16.56 -22.54
C LEU E 162 -12.14 -16.49 -24.06
N GLU E 163 -10.92 -16.23 -24.53
CA GLU E 163 -10.67 -16.20 -25.97
C GLU E 163 -10.74 -17.60 -26.57
N THR E 164 -11.84 -17.89 -27.26
CA THR E 164 -11.98 -19.09 -28.07
C THR E 164 -13.02 -18.83 -29.15
N VAL E 165 -12.91 -19.52 -30.28
CA VAL E 165 -14.04 -19.66 -31.19
C VAL E 165 -14.81 -20.91 -30.77
N PRO E 166 -16.07 -20.73 -30.33
CA PRO E 166 -16.89 -21.81 -29.78
C PRO E 166 -17.19 -22.94 -30.78
N ARG E 167 -16.62 -24.11 -30.54
CA ARG E 167 -16.84 -25.26 -31.40
C ARG E 167 -18.09 -26.05 -30.94
N SER E 168 -19.03 -26.22 -31.85
CA SER E 168 -20.33 -26.82 -31.54
C SER E 168 -20.23 -28.27 -31.04
N GLY E 169 -21.00 -28.57 -30.00
CA GLY E 169 -20.86 -29.82 -29.29
C GLY E 169 -20.03 -29.60 -28.04
N GLU E 170 -19.37 -28.43 -27.98
CA GLU E 170 -18.62 -28.02 -26.81
C GLU E 170 -19.52 -27.24 -25.84
N VAL E 171 -19.52 -27.67 -24.57
CA VAL E 171 -20.34 -27.07 -23.52
C VAL E 171 -19.48 -26.39 -22.43
N TYR E 172 -19.46 -25.05 -22.44
CA TYR E 172 -18.65 -24.30 -21.48
C TYR E 172 -19.38 -24.00 -20.15
N THR E 173 -18.65 -24.07 -19.05
CA THR E 173 -19.18 -23.76 -17.74
C THR E 173 -18.40 -22.59 -17.16
N CYS E 174 -19.11 -21.60 -16.63
CA CYS E 174 -18.50 -20.58 -15.80
C CYS E 174 -18.79 -20.94 -14.34
N GLN E 175 -17.76 -20.97 -13.50
CA GLN E 175 -17.92 -21.39 -12.12
C GLN E 175 -17.50 -20.30 -11.16
N VAL E 176 -18.24 -20.17 -10.06
CA VAL E 176 -18.09 -19.03 -9.16
C VAL E 176 -18.11 -19.40 -7.67
N GLU E 177 -17.05 -19.01 -6.97
CA GLU E 177 -16.99 -19.18 -5.53
C GLU E 177 -17.08 -17.82 -4.85
N HIS E 178 -18.04 -17.72 -3.92
CA HIS E 178 -18.29 -16.50 -3.14
C HIS E 178 -18.81 -16.84 -1.74
N PRO E 179 -18.47 -15.99 -0.74
CA PRO E 179 -18.91 -16.24 0.64
C PRO E 179 -20.44 -16.13 0.85
N SER E 180 -21.15 -15.56 -0.13
CA SER E 180 -22.60 -15.45 -0.06
C SER E 180 -23.27 -16.83 -0.20
N VAL E 181 -22.51 -17.77 -0.76
CA VAL E 181 -23.01 -19.12 -1.00
C VAL E 181 -22.11 -20.18 -0.37
N THR E 182 -22.72 -21.31 -0.01
CA THR E 182 -22.00 -22.42 0.62
C THR E 182 -21.39 -23.28 -0.49
N SER E 183 -22.16 -23.50 -1.55
CA SER E 183 -21.67 -24.21 -2.72
C SER E 183 -21.43 -23.22 -3.86
N PRO E 184 -20.47 -23.55 -4.73
CA PRO E 184 -20.23 -22.71 -5.92
C PRO E 184 -21.41 -22.71 -6.88
N LEU E 185 -21.61 -21.59 -7.58
CA LEU E 185 -22.61 -21.47 -8.63
C LEU E 185 -21.94 -21.82 -9.94
N THR E 186 -22.64 -22.57 -10.79
CA THR E 186 -22.11 -22.85 -12.12
C THR E 186 -23.15 -22.50 -13.17
N VAL E 187 -22.68 -21.99 -14.30
CA VAL E 187 -23.56 -21.70 -15.43
C VAL E 187 -22.96 -22.32 -16.70
N GLU E 188 -23.81 -22.97 -17.50
CA GLU E 188 -23.36 -23.62 -18.74
C GLU E 188 -23.81 -22.85 -19.98
N TRP E 189 -23.03 -22.96 -21.05
CA TRP E 189 -23.33 -22.29 -22.30
C TRP E 189 -22.82 -23.16 -23.45
N ARG E 190 -23.50 -23.10 -24.60
CA ARG E 190 -23.22 -24.02 -25.71
C ARG E 190 -23.22 -23.37 -27.11
N LYS F 1 -3.00 28.28 16.10
CA LYS F 1 -2.63 26.90 16.39
C LYS F 1 -3.65 25.90 15.85
N MET F 2 -3.16 24.73 15.46
CA MET F 2 -4.01 23.66 14.93
C MET F 2 -4.62 22.80 16.03
N ARG F 3 -5.94 22.84 16.15
CA ARG F 3 -6.64 21.93 17.05
C ARG F 3 -6.73 20.52 16.46
N MET F 4 -6.76 19.53 17.35
CA MET F 4 -6.97 18.15 16.95
C MET F 4 -8.45 17.87 16.85
N ALA F 5 -8.91 17.50 15.65
CA ALA F 5 -10.30 17.10 15.42
C ALA F 5 -10.63 15.78 16.12
N THR F 6 -11.92 15.54 16.35
CA THR F 6 -12.37 14.39 17.13
C THR F 6 -12.66 13.15 16.32
N PRO F 7 -12.19 12.00 16.79
CA PRO F 7 -12.65 10.73 16.20
C PRO F 7 -14.07 10.50 16.70
N LEU F 8 -15.05 10.49 15.81
CA LEU F 8 -16.45 10.50 16.21
C LEU F 8 -17.12 9.13 16.17
N LEU F 9 -18.14 8.97 16.99
CA LEU F 9 -18.76 7.67 17.20
C LEU F 9 -20.10 7.53 16.53
N MET F 10 -20.30 6.38 15.92
CA MET F 10 -21.66 5.93 15.60
C MET F 10 -22.28 5.31 16.84
N GLN F 11 -23.58 5.04 16.78
CA GLN F 11 -24.23 4.34 17.89
C GLN F 11 -25.17 3.26 17.35
N ALA F 12 -25.34 2.22 18.14
CA ALA F 12 -26.28 1.17 17.85
C ALA F 12 -27.66 1.62 18.25
N LEU F 13 -28.60 1.52 17.31
CA LEU F 13 -29.98 1.78 17.65
C LEU F 13 -30.51 0.69 18.59
N PRO F 14 -31.37 1.08 19.54
CA PRO F 14 -32.17 0.17 20.40
C PRO F 14 -33.19 -0.62 19.56
N MET F 15 -33.57 -1.83 19.97
CA MET F 15 -34.57 -2.56 19.18
C MET F 15 -35.63 -3.32 19.99
C1 PEG G . -4.49 -9.51 4.29
O1 PEG G . -4.47 -10.59 3.41
C2 PEG G . -4.88 -9.79 5.71
O2 PEG G . -4.23 -9.09 6.72
C3 PEG G . -3.44 -9.76 7.62
C4 PEG G . -1.96 -9.66 7.48
O4 PEG G . -1.27 -8.60 8.04
C1 GOL H . -28.99 -2.99 2.35
O1 GOL H . -29.21 -4.38 2.39
C2 GOL H . -30.09 -2.24 1.58
O2 GOL H . -30.37 -1.05 2.27
C3 GOL H . -29.64 -1.86 0.16
O3 GOL H . -30.63 -1.08 -0.51
#